data_2MCQ
#
_entry.id   2MCQ
#
_entity_poly.entity_id   1
_entity_poly.type   'polypeptide(L)'
_entity_poly.pdbx_seq_one_letter_code
;MAISAEELEKILKKSFPSSVIKITDLVGDQDHYALEISDAQFNGLSLINQHKLVKNALSEILNKKLHSISIKTISIP
;
_entity_poly.pdbx_strand_id   A
#
# COMPACT_ATOMS: atom_id res chain seq x y z
N MET A 1 -13.27 3.11 -7.80
CA MET A 1 -14.21 3.29 -6.71
C MET A 1 -14.63 1.95 -6.12
N ALA A 2 -14.32 1.73 -4.84
CA ALA A 2 -14.67 0.49 -4.18
C ALA A 2 -14.08 -0.71 -4.90
N ILE A 3 -12.98 -0.49 -5.61
CA ILE A 3 -12.32 -1.56 -6.35
C ILE A 3 -11.89 -2.69 -5.43
N SER A 4 -11.83 -3.90 -5.97
CA SER A 4 -11.43 -5.07 -5.20
C SER A 4 -10.09 -4.85 -4.52
N ALA A 5 -9.88 -5.50 -3.37
CA ALA A 5 -8.64 -5.37 -2.64
C ALA A 5 -7.48 -6.02 -3.39
N GLU A 6 -7.80 -6.97 -4.26
CA GLU A 6 -6.79 -7.66 -5.05
C GLU A 6 -6.18 -6.74 -6.09
N GLU A 7 -6.88 -5.66 -6.40
CA GLU A 7 -6.41 -4.69 -7.39
C GLU A 7 -5.53 -3.63 -6.73
N LEU A 8 -5.73 -3.44 -5.42
CA LEU A 8 -4.97 -2.44 -4.68
C LEU A 8 -3.47 -2.62 -4.91
N GLU A 9 -3.05 -3.87 -5.09
CA GLU A 9 -1.64 -4.17 -5.33
C GLU A 9 -1.21 -3.69 -6.72
N LYS A 10 -2.09 -3.88 -7.70
CA LYS A 10 -1.80 -3.48 -9.06
C LYS A 10 -1.33 -2.03 -9.11
N ILE A 11 -1.80 -1.22 -8.17
CA ILE A 11 -1.42 0.19 -8.12
C ILE A 11 -0.05 0.36 -7.49
N LEU A 12 0.19 -0.36 -6.40
CA LEU A 12 1.48 -0.28 -5.70
C LEU A 12 2.61 -0.79 -6.59
N LYS A 13 2.25 -1.50 -7.64
CA LYS A 13 3.22 -2.04 -8.58
C LYS A 13 3.83 -0.93 -9.44
N LYS A 14 3.09 0.15 -9.60
CA LYS A 14 3.55 1.29 -10.40
C LYS A 14 4.97 1.69 -10.00
N SER A 15 5.21 1.79 -8.69
CA SER A 15 6.52 2.15 -8.17
C SER A 15 7.18 0.97 -7.48
N PHE A 16 6.38 0.03 -7.01
CA PHE A 16 6.89 -1.15 -6.34
C PHE A 16 6.23 -2.42 -6.87
N PRO A 17 6.65 -2.83 -8.08
CA PRO A 17 6.13 -4.04 -8.72
C PRO A 17 6.56 -5.32 -8.03
N SER A 18 7.85 -5.44 -7.78
CA SER A 18 8.40 -6.62 -7.12
C SER A 18 7.93 -6.70 -5.67
N SER A 19 7.61 -5.54 -5.10
CA SER A 19 7.15 -5.48 -3.72
C SER A 19 6.01 -6.46 -3.48
N VAL A 20 5.89 -6.93 -2.24
CA VAL A 20 4.84 -7.88 -1.88
C VAL A 20 3.66 -7.18 -1.22
N ILE A 21 2.57 -7.03 -1.98
CA ILE A 21 1.38 -6.37 -1.46
C ILE A 21 0.37 -7.39 -0.95
N LYS A 22 -0.16 -7.14 0.25
CA LYS A 22 -1.14 -8.03 0.85
C LYS A 22 -2.11 -7.25 1.72
N ILE A 23 -3.40 -7.59 1.61
CA ILE A 23 -4.43 -6.92 2.39
C ILE A 23 -4.97 -7.84 3.48
N THR A 24 -5.28 -7.25 4.63
CA THR A 24 -5.81 -8.02 5.76
C THR A 24 -6.91 -7.26 6.46
N ASP A 25 -7.95 -7.98 6.88
CA ASP A 25 -9.08 -7.37 7.57
C ASP A 25 -8.82 -7.30 9.08
N LEU A 26 -9.01 -6.11 9.64
CA LEU A 26 -8.80 -5.91 11.07
C LEU A 26 -10.12 -5.91 11.83
N VAL A 27 -11.15 -5.31 11.23
CA VAL A 27 -12.47 -5.25 11.85
C VAL A 27 -13.50 -5.99 11.01
N GLY A 28 -13.24 -6.07 9.70
CA GLY A 28 -14.17 -6.75 8.81
C GLY A 28 -15.56 -6.19 8.88
N ASP A 29 -15.67 -4.88 9.08
CA ASP A 29 -16.96 -4.21 9.16
C ASP A 29 -16.98 -2.96 8.29
N GLN A 30 -16.07 -2.04 8.56
CA GLN A 30 -15.99 -0.80 7.81
C GLN A 30 -14.92 -0.89 6.72
N ASP A 31 -14.69 0.21 6.03
CA ASP A 31 -13.69 0.26 4.96
C ASP A 31 -12.28 0.37 5.55
N HIS A 32 -11.87 -0.66 6.27
CA HIS A 32 -10.54 -0.68 6.88
C HIS A 32 -9.68 -1.80 6.30
N TYR A 33 -8.79 -1.44 5.39
CA TYR A 33 -7.92 -2.43 4.76
C TYR A 33 -6.49 -2.28 5.25
N ALA A 34 -5.91 -3.39 5.71
CA ALA A 34 -4.54 -3.39 6.22
C ALA A 34 -3.55 -3.72 5.11
N LEU A 35 -2.89 -2.69 4.59
CA LEU A 35 -1.91 -2.86 3.52
C LEU A 35 -0.58 -3.34 4.08
N GLU A 36 0.05 -4.27 3.38
CA GLU A 36 1.35 -4.81 3.81
C GLU A 36 2.32 -4.87 2.64
N ILE A 37 3.32 -3.99 2.67
CA ILE A 37 4.33 -3.93 1.62
C ILE A 37 5.66 -4.49 2.11
N SER A 38 6.27 -5.32 1.27
CA SER A 38 7.56 -5.94 1.62
C SER A 38 8.52 -5.86 0.44
N ASP A 39 9.70 -5.27 0.69
CA ASP A 39 10.72 -5.14 -0.35
C ASP A 39 12.03 -4.64 0.24
N ALA A 40 13.00 -4.39 -0.62
CA ALA A 40 14.31 -3.91 -0.19
C ALA A 40 14.53 -2.46 -0.60
N GLN A 41 13.43 -1.72 -0.79
CA GLN A 41 13.51 -0.33 -1.19
C GLN A 41 13.07 0.59 -0.05
N PHE A 42 12.41 0.01 0.95
CA PHE A 42 11.93 0.78 2.10
C PHE A 42 12.94 0.71 3.25
N ASN A 43 14.20 0.46 2.90
CA ASN A 43 15.27 0.37 3.91
C ASN A 43 15.95 1.72 4.10
N GLY A 44 15.90 2.23 5.33
CA GLY A 44 16.52 3.51 5.63
C GLY A 44 15.49 4.62 5.74
N LEU A 45 14.34 4.46 5.10
CA LEU A 45 13.29 5.46 5.13
C LEU A 45 12.63 5.51 6.50
N SER A 46 11.87 6.58 6.75
CA SER A 46 11.19 6.75 8.02
C SER A 46 9.72 6.35 7.91
N LEU A 47 9.06 6.18 9.06
CA LEU A 47 7.66 5.80 9.09
C LEU A 47 6.81 6.78 8.29
N ILE A 48 7.30 8.01 8.17
CA ILE A 48 6.59 9.05 7.43
C ILE A 48 6.83 8.92 5.93
N ASN A 49 8.08 8.63 5.56
CA ASN A 49 8.44 8.48 4.16
C ASN A 49 7.80 7.22 3.56
N GLN A 50 7.81 6.14 4.34
CA GLN A 50 7.23 4.88 3.89
C GLN A 50 5.72 5.00 3.72
N HIS A 51 5.07 5.71 4.63
CA HIS A 51 3.63 5.91 4.58
C HIS A 51 3.26 6.92 3.49
N LYS A 52 4.18 7.83 3.21
CA LYS A 52 3.95 8.85 2.20
C LYS A 52 4.20 8.31 0.80
N LEU A 53 5.26 7.52 0.66
CA LEU A 53 5.60 6.92 -0.63
C LEU A 53 4.40 6.21 -1.25
N VAL A 54 3.82 5.28 -0.49
CA VAL A 54 2.66 4.53 -0.94
C VAL A 54 1.56 5.47 -1.45
N LYS A 55 1.46 6.63 -0.81
CA LYS A 55 0.45 7.62 -1.20
C LYS A 55 0.90 8.41 -2.42
N ASN A 56 2.20 8.55 -2.59
CA ASN A 56 2.76 9.28 -3.72
C ASN A 56 2.73 8.43 -4.98
N ALA A 57 2.94 7.13 -4.81
CA ALA A 57 2.93 6.20 -5.94
C ALA A 57 1.57 6.18 -6.63
N LEU A 58 0.56 6.68 -5.94
CA LEU A 58 -0.80 6.71 -6.48
C LEU A 58 -1.29 8.14 -6.61
N SER A 59 -0.49 9.09 -6.13
CA SER A 59 -0.85 10.50 -6.19
C SER A 59 -0.34 11.14 -7.49
N GLU A 60 0.38 10.35 -8.28
CA GLU A 60 0.92 10.84 -9.54
C GLU A 60 0.15 10.27 -10.72
N ILE A 61 -0.15 8.97 -10.66
CA ILE A 61 -0.89 8.31 -11.73
C ILE A 61 -2.38 8.33 -11.45
N LEU A 62 -2.74 8.54 -10.19
CA LEU A 62 -4.15 8.58 -9.79
C LEU A 62 -4.86 7.27 -10.15
N ASN A 63 -4.16 6.15 -9.95
CA ASN A 63 -4.73 4.85 -10.26
C ASN A 63 -6.00 4.60 -9.44
N LYS A 64 -5.90 4.80 -8.14
CA LYS A 64 -7.04 4.60 -7.24
C LYS A 64 -7.43 5.90 -6.56
N LYS A 65 -8.69 5.99 -6.15
CA LYS A 65 -9.19 7.19 -5.48
C LYS A 65 -8.40 7.47 -4.20
N LEU A 66 -8.67 8.61 -3.59
CA LEU A 66 -7.99 9.00 -2.37
C LEU A 66 -8.80 8.58 -1.13
N HIS A 67 -8.23 7.67 -0.35
CA HIS A 67 -8.90 7.19 0.86
C HIS A 67 -7.91 7.06 2.01
N SER A 68 -8.39 6.59 3.15
CA SER A 68 -7.55 6.42 4.33
C SER A 68 -7.54 4.96 4.79
N ILE A 69 -6.36 4.38 4.89
CA ILE A 69 -6.22 3.00 5.33
C ILE A 69 -4.88 2.77 6.03
N SER A 70 -4.74 1.60 6.65
CA SER A 70 -3.51 1.27 7.36
C SER A 70 -2.45 0.75 6.38
N ILE A 71 -1.24 1.30 6.49
CA ILE A 71 -0.14 0.91 5.62
C ILE A 71 1.05 0.41 6.44
N LYS A 72 1.19 -0.91 6.51
CA LYS A 72 2.29 -1.52 7.25
C LYS A 72 3.55 -1.60 6.39
N THR A 73 4.70 -1.27 6.99
CA THR A 73 5.97 -1.32 6.28
C THR A 73 6.78 -2.54 6.69
N ILE A 74 7.29 -3.26 5.71
CA ILE A 74 8.09 -4.45 5.97
C ILE A 74 9.35 -4.46 5.10
N SER A 75 10.49 -4.75 5.73
CA SER A 75 11.77 -4.79 5.03
C SER A 75 12.47 -6.13 5.26
N ILE A 76 13.38 -6.47 4.35
CA ILE A 76 14.12 -7.72 4.45
C ILE A 76 13.18 -8.92 4.49
N PRO A 77 12.58 -9.25 3.33
CA PRO A 77 11.66 -10.38 3.21
C PRO A 77 12.36 -11.72 3.35
N MET A 1 -18.89 2.37 -5.54
CA MET A 1 -18.68 0.95 -5.27
C MET A 1 -17.23 0.69 -4.86
N ALA A 2 -16.99 -0.44 -4.20
CA ALA A 2 -15.66 -0.80 -3.77
C ALA A 2 -15.00 -1.76 -4.75
N ILE A 3 -13.67 -1.73 -4.80
CA ILE A 3 -12.91 -2.59 -5.71
C ILE A 3 -12.27 -3.75 -4.95
N SER A 4 -12.09 -4.87 -5.63
CA SER A 4 -11.49 -6.04 -5.03
C SER A 4 -10.15 -5.69 -4.37
N ALA A 5 -9.92 -6.25 -3.19
CA ALA A 5 -8.69 -6.01 -2.45
C ALA A 5 -7.47 -6.41 -3.27
N GLU A 6 -7.67 -7.37 -4.18
CA GLU A 6 -6.58 -7.85 -5.03
C GLU A 6 -6.10 -6.75 -5.97
N GLU A 7 -6.96 -5.78 -6.24
CA GLU A 7 -6.62 -4.68 -7.13
C GLU A 7 -5.79 -3.63 -6.41
N LEU A 8 -5.92 -3.60 -5.08
CA LEU A 8 -5.17 -2.65 -4.26
C LEU A 8 -3.68 -2.70 -4.58
N GLU A 9 -3.19 -3.90 -4.87
CA GLU A 9 -1.78 -4.08 -5.19
C GLU A 9 -1.47 -3.53 -6.58
N LYS A 10 -2.44 -3.63 -7.48
CA LYS A 10 -2.27 -3.14 -8.85
C LYS A 10 -1.77 -1.70 -8.85
N ILE A 11 -2.14 -0.95 -7.81
CA ILE A 11 -1.73 0.44 -7.70
C ILE A 11 -0.34 0.56 -7.08
N LEU A 12 0.00 -0.38 -6.21
CA LEU A 12 1.30 -0.38 -5.55
C LEU A 12 2.36 -1.04 -6.44
N LYS A 13 1.91 -1.66 -7.52
CA LYS A 13 2.81 -2.33 -8.45
C LYS A 13 3.47 -1.31 -9.38
N LYS A 14 2.80 -0.18 -9.59
CA LYS A 14 3.33 0.87 -10.45
C LYS A 14 4.75 1.25 -10.04
N SER A 15 4.96 1.46 -8.75
CA SER A 15 6.27 1.84 -8.24
C SER A 15 6.90 0.67 -7.47
N PHE A 16 6.06 -0.15 -6.86
CA PHE A 16 6.54 -1.29 -6.10
C PHE A 16 6.02 -2.61 -6.69
N PRO A 17 6.50 -2.93 -7.90
CA PRO A 17 6.10 -4.15 -8.61
C PRO A 17 6.65 -5.40 -7.94
N SER A 18 7.95 -5.41 -7.67
CA SER A 18 8.59 -6.56 -7.04
C SER A 18 8.12 -6.72 -5.60
N SER A 19 7.72 -5.61 -4.98
CA SER A 19 7.25 -5.63 -3.60
C SER A 19 6.03 -6.54 -3.46
N VAL A 20 5.92 -7.18 -2.30
CA VAL A 20 4.81 -8.07 -2.03
C VAL A 20 3.67 -7.34 -1.32
N ILE A 21 2.58 -7.11 -2.04
CA ILE A 21 1.43 -6.42 -1.48
C ILE A 21 0.40 -7.41 -0.96
N LYS A 22 0.00 -7.23 0.29
CA LYS A 22 -0.98 -8.10 0.93
C LYS A 22 -1.92 -7.31 1.83
N ILE A 23 -3.20 -7.65 1.80
CA ILE A 23 -4.19 -6.97 2.62
C ILE A 23 -4.65 -7.85 3.79
N THR A 24 -4.95 -7.22 4.92
CA THR A 24 -5.38 -7.95 6.10
C THR A 24 -6.79 -7.50 6.53
N ASP A 25 -7.63 -8.48 6.85
CA ASP A 25 -8.99 -8.18 7.27
C ASP A 25 -9.11 -8.20 8.80
N LEU A 26 -8.88 -7.04 9.42
CA LEU A 26 -8.95 -6.92 10.87
C LEU A 26 -10.15 -6.09 11.29
N VAL A 27 -10.62 -5.23 10.38
CA VAL A 27 -11.76 -4.37 10.66
C VAL A 27 -13.07 -5.17 10.57
N GLY A 28 -13.48 -5.47 9.35
CA GLY A 28 -14.72 -6.22 9.15
C GLY A 28 -15.69 -5.49 8.25
N ASP A 29 -15.36 -5.41 6.96
CA ASP A 29 -16.22 -4.73 6.00
C ASP A 29 -16.29 -3.23 6.29
N GLN A 30 -15.22 -2.52 5.99
CA GLN A 30 -15.17 -1.08 6.22
C GLN A 30 -14.08 -0.43 5.35
N ASP A 31 -14.15 0.88 5.22
CA ASP A 31 -13.19 1.62 4.42
C ASP A 31 -11.76 1.39 4.94
N HIS A 32 -11.66 1.03 6.21
CA HIS A 32 -10.36 0.78 6.81
C HIS A 32 -9.82 -0.59 6.41
N TYR A 33 -8.53 -0.66 6.08
CA TYR A 33 -7.90 -1.90 5.67
C TYR A 33 -6.42 -1.91 6.02
N ALA A 34 -5.88 -3.10 6.26
CA ALA A 34 -4.47 -3.24 6.60
C ALA A 34 -3.64 -3.63 5.39
N LEU A 35 -2.87 -2.68 4.87
CA LEU A 35 -2.03 -2.92 3.70
C LEU A 35 -0.58 -3.15 4.11
N GLU A 36 -0.08 -4.35 3.89
CA GLU A 36 1.29 -4.70 4.23
C GLU A 36 2.12 -4.93 2.97
N ILE A 37 3.12 -4.08 2.76
CA ILE A 37 4.00 -4.19 1.60
C ILE A 37 5.41 -4.57 2.01
N SER A 38 6.08 -5.37 1.19
CA SER A 38 7.43 -5.80 1.46
C SER A 38 8.36 -5.49 0.29
N ASP A 39 9.14 -4.43 0.43
CA ASP A 39 10.07 -4.01 -0.61
C ASP A 39 11.46 -3.77 -0.05
N ALA A 40 12.47 -3.89 -0.90
CA ALA A 40 13.85 -3.69 -0.48
C ALA A 40 14.30 -2.26 -0.75
N GLN A 41 13.34 -1.34 -0.82
CA GLN A 41 13.64 0.06 -1.09
C GLN A 41 13.43 0.90 0.17
N PHE A 42 12.67 0.35 1.12
CA PHE A 42 12.39 1.06 2.37
C PHE A 42 13.36 0.63 3.47
N ASN A 43 14.56 0.22 3.05
CA ASN A 43 15.58 -0.22 3.99
C ASN A 43 16.42 0.97 4.48
N GLY A 44 15.74 1.97 5.04
CA GLY A 44 16.43 3.15 5.52
C GLY A 44 15.52 4.36 5.63
N LEU A 45 14.41 4.34 4.88
CA LEU A 45 13.46 5.43 4.88
C LEU A 45 12.83 5.60 6.26
N SER A 46 12.00 6.63 6.41
CA SER A 46 11.33 6.89 7.67
C SER A 46 9.87 6.49 7.62
N LEU A 47 9.27 6.27 8.79
CA LEU A 47 7.87 5.87 8.87
C LEU A 47 6.98 6.83 8.08
N ILE A 48 7.41 8.08 8.00
CA ILE A 48 6.66 9.10 7.27
C ILE A 48 6.85 8.95 5.77
N ASN A 49 8.10 8.81 5.35
CA ASN A 49 8.41 8.65 3.93
C ASN A 49 7.75 7.39 3.36
N GLN A 50 7.77 6.32 4.14
CA GLN A 50 7.18 5.05 3.72
C GLN A 50 5.67 5.18 3.56
N HIS A 51 5.02 5.86 4.51
CA HIS A 51 3.58 6.05 4.46
C HIS A 51 3.21 7.07 3.39
N LYS A 52 4.13 7.95 3.07
CA LYS A 52 3.89 8.98 2.05
C LYS A 52 4.08 8.41 0.65
N LEU A 53 5.16 7.64 0.47
CA LEU A 53 5.45 7.03 -0.82
C LEU A 53 4.25 6.27 -1.36
N VAL A 54 3.72 5.36 -0.55
CA VAL A 54 2.57 4.57 -0.94
C VAL A 54 1.42 5.46 -1.40
N LYS A 55 1.31 6.64 -0.80
CA LYS A 55 0.27 7.59 -1.14
C LYS A 55 0.62 8.36 -2.40
N ASN A 56 1.93 8.53 -2.64
CA ASN A 56 2.40 9.25 -3.81
C ASN A 56 2.31 8.37 -5.06
N ALA A 57 2.63 7.09 -4.91
CA ALA A 57 2.59 6.15 -6.02
C ALA A 57 1.18 6.05 -6.59
N LEU A 58 0.19 6.46 -5.80
CA LEU A 58 -1.20 6.43 -6.23
C LEU A 58 -1.73 7.83 -6.49
N SER A 59 -1.11 8.82 -5.86
CA SER A 59 -1.52 10.21 -6.01
C SER A 59 -0.93 10.81 -7.28
N GLU A 60 0.21 10.27 -7.71
CA GLU A 60 0.89 10.76 -8.91
C GLU A 60 0.40 10.01 -10.15
N ILE A 61 0.06 8.74 -9.97
CA ILE A 61 -0.42 7.91 -11.07
C ILE A 61 -1.94 8.02 -11.21
N LEU A 62 -2.59 8.53 -10.17
CA LEU A 62 -4.04 8.69 -10.18
C LEU A 62 -4.73 7.34 -10.41
N ASN A 63 -4.11 6.28 -9.92
CA ASN A 63 -4.66 4.93 -10.06
C ASN A 63 -5.84 4.72 -9.11
N LYS A 64 -5.85 5.47 -8.01
CA LYS A 64 -6.92 5.37 -7.04
C LYS A 64 -6.76 6.43 -5.94
N LYS A 65 -7.88 6.82 -5.34
CA LYS A 65 -7.86 7.82 -4.28
C LYS A 65 -8.56 7.30 -3.02
N LEU A 66 -7.86 6.47 -2.27
CA LEU A 66 -8.41 5.90 -1.04
C LEU A 66 -8.57 6.97 0.04
N HIS A 67 -9.59 6.83 0.87
CA HIS A 67 -9.85 7.78 1.94
C HIS A 67 -8.71 7.76 2.96
N SER A 68 -8.51 6.61 3.60
CA SER A 68 -7.46 6.48 4.61
C SER A 68 -7.44 5.05 5.18
N ILE A 69 -6.32 4.38 5.01
CA ILE A 69 -6.16 3.02 5.50
C ILE A 69 -4.82 2.82 6.19
N SER A 70 -4.68 1.72 6.92
CA SER A 70 -3.44 1.41 7.63
C SER A 70 -2.40 0.84 6.68
N ILE A 71 -1.25 1.50 6.60
CA ILE A 71 -0.16 1.05 5.73
C ILE A 71 1.04 0.60 6.55
N LYS A 72 1.30 -0.70 6.54
CA LYS A 72 2.42 -1.27 7.28
C LYS A 72 3.67 -1.34 6.39
N THR A 73 4.82 -1.05 6.99
CA THR A 73 6.08 -1.07 6.26
C THR A 73 6.90 -2.31 6.63
N ILE A 74 7.30 -3.07 5.62
CA ILE A 74 8.08 -4.27 5.83
C ILE A 74 9.31 -4.30 4.92
N SER A 75 10.48 -4.56 5.51
CA SER A 75 11.73 -4.61 4.76
C SER A 75 12.59 -5.77 5.21
N ILE A 76 13.31 -6.36 4.27
CA ILE A 76 14.19 -7.49 4.58
C ILE A 76 15.43 -7.48 3.69
N PRO A 77 16.50 -8.12 4.17
CA PRO A 77 17.77 -8.20 3.44
C PRO A 77 17.67 -9.11 2.21
N MET A 1 -19.08 -0.97 -2.28
CA MET A 1 -18.83 -2.20 -3.02
C MET A 1 -17.45 -2.75 -2.70
N ALA A 2 -17.21 -3.99 -3.11
CA ALA A 2 -15.92 -4.65 -2.87
C ALA A 2 -15.21 -4.93 -4.18
N ILE A 3 -13.88 -5.00 -4.11
CA ILE A 3 -13.07 -5.27 -5.30
C ILE A 3 -11.93 -6.24 -4.98
N SER A 4 -11.53 -7.01 -5.97
CA SER A 4 -10.45 -7.98 -5.80
C SER A 4 -9.17 -7.29 -5.33
N ALA A 5 -8.51 -7.89 -4.35
CA ALA A 5 -7.28 -7.33 -3.81
C ALA A 5 -6.25 -7.11 -4.91
N GLU A 6 -6.34 -7.91 -5.96
CA GLU A 6 -5.41 -7.79 -7.10
C GLU A 6 -5.52 -6.42 -7.75
N GLU A 7 -6.65 -5.74 -7.51
CA GLU A 7 -6.88 -4.42 -8.08
C GLU A 7 -6.15 -3.34 -7.27
N LEU A 8 -6.02 -3.58 -5.97
CA LEU A 8 -5.34 -2.64 -5.09
C LEU A 8 -3.83 -2.67 -5.31
N GLU A 9 -3.30 -3.86 -5.56
CA GLU A 9 -1.87 -4.02 -5.79
C GLU A 9 -1.46 -3.39 -7.11
N LYS A 10 -2.36 -3.44 -8.08
CA LYS A 10 -2.09 -2.88 -9.40
C LYS A 10 -1.56 -1.45 -9.29
N ILE A 11 -2.00 -0.74 -8.26
CA ILE A 11 -1.56 0.63 -8.03
C ILE A 11 -0.11 0.68 -7.59
N LEU A 12 0.15 0.20 -6.38
CA LEU A 12 1.51 0.19 -5.83
C LEU A 12 2.47 -0.48 -6.80
N LYS A 13 1.97 -1.46 -7.55
CA LYS A 13 2.80 -2.17 -8.53
C LYS A 13 3.48 -1.20 -9.48
N LYS A 14 2.86 -0.04 -9.68
CA LYS A 14 3.41 0.98 -10.57
C LYS A 14 4.86 1.30 -10.20
N SER A 15 5.13 1.34 -8.90
CA SER A 15 6.47 1.64 -8.41
C SER A 15 7.12 0.40 -7.80
N PHE A 16 6.38 -0.28 -6.94
CA PHE A 16 6.88 -1.48 -6.28
C PHE A 16 6.10 -2.72 -6.74
N PRO A 17 6.41 -3.18 -7.96
CA PRO A 17 5.77 -4.35 -8.56
C PRO A 17 6.16 -5.65 -7.85
N SER A 18 7.46 -5.82 -7.65
CA SER A 18 7.98 -7.02 -6.99
C SER A 18 7.49 -7.10 -5.55
N SER A 19 7.22 -5.94 -4.96
CA SER A 19 6.75 -5.88 -3.58
C SER A 19 5.55 -6.80 -3.36
N VAL A 20 5.31 -7.17 -2.11
CA VAL A 20 4.20 -8.04 -1.77
C VAL A 20 3.01 -7.24 -1.25
N ILE A 21 2.09 -6.92 -2.14
CA ILE A 21 0.90 -6.16 -1.77
C ILE A 21 -0.24 -7.09 -1.36
N LYS A 22 -0.55 -7.09 -0.07
CA LYS A 22 -1.63 -7.92 0.45
C LYS A 22 -2.54 -7.11 1.38
N ILE A 23 -3.80 -7.52 1.45
CA ILE A 23 -4.78 -6.83 2.29
C ILE A 23 -5.25 -7.74 3.43
N THR A 24 -5.30 -7.19 4.64
CA THR A 24 -5.74 -7.95 5.81
C THR A 24 -6.75 -7.16 6.62
N ASP A 25 -7.75 -7.86 7.15
CA ASP A 25 -8.78 -7.23 7.96
C ASP A 25 -8.29 -6.97 9.38
N LEU A 26 -8.49 -5.76 9.88
CA LEU A 26 -8.06 -5.39 11.22
C LEU A 26 -9.21 -5.53 12.22
N VAL A 27 -10.33 -4.87 11.92
CA VAL A 27 -11.50 -4.93 12.79
C VAL A 27 -12.68 -5.60 12.08
N GLY A 28 -12.83 -5.29 10.79
CA GLY A 28 -13.92 -5.87 10.03
C GLY A 28 -15.27 -5.28 10.39
N ASP A 29 -15.29 -3.98 10.62
CA ASP A 29 -16.53 -3.28 10.98
C ASP A 29 -16.89 -2.25 9.92
N GLN A 30 -15.89 -1.56 9.40
CA GLN A 30 -16.11 -0.55 8.38
C GLN A 30 -15.30 -0.85 7.12
N ASP A 31 -15.14 -2.12 6.82
CA ASP A 31 -14.39 -2.54 5.64
C ASP A 31 -12.93 -2.10 5.74
N HIS A 32 -12.32 -2.35 6.89
CA HIS A 32 -10.93 -1.98 7.12
C HIS A 32 -9.99 -2.84 6.27
N TYR A 33 -9.01 -2.20 5.65
CA TYR A 33 -8.04 -2.90 4.82
C TYR A 33 -6.62 -2.56 5.21
N ALA A 34 -5.82 -3.58 5.53
CA ALA A 34 -4.44 -3.38 5.92
C ALA A 34 -3.49 -3.64 4.75
N LEU A 35 -3.04 -2.56 4.11
CA LEU A 35 -2.13 -2.67 2.98
C LEU A 35 -0.70 -2.88 3.45
N GLU A 36 -0.21 -4.11 3.31
CA GLU A 36 1.15 -4.46 3.71
C GLU A 36 2.08 -4.53 2.51
N ILE A 37 3.20 -3.82 2.58
CA ILE A 37 4.17 -3.80 1.49
C ILE A 37 5.54 -4.26 1.98
N SER A 38 6.08 -5.29 1.32
CA SER A 38 7.38 -5.82 1.69
C SER A 38 8.36 -5.73 0.52
N ASP A 39 9.37 -4.87 0.65
CA ASP A 39 10.36 -4.69 -0.39
C ASP A 39 11.69 -4.24 0.20
N ALA A 40 12.71 -4.15 -0.65
CA ALA A 40 14.03 -3.72 -0.22
C ALA A 40 14.27 -2.26 -0.55
N GLN A 41 13.19 -1.49 -0.67
CA GLN A 41 13.29 -0.07 -0.98
C GLN A 41 12.87 0.78 0.21
N PHE A 42 12.21 0.16 1.18
CA PHE A 42 11.75 0.86 2.37
C PHE A 42 12.75 0.69 3.51
N ASN A 43 14.01 0.47 3.16
CA ASN A 43 15.06 0.29 4.15
C ASN A 43 15.82 1.59 4.39
N GLY A 44 15.85 2.03 5.64
CA GLY A 44 16.54 3.26 5.98
C GLY A 44 15.63 4.47 5.95
N LEU A 45 14.33 4.21 5.98
CA LEU A 45 13.34 5.28 5.96
C LEU A 45 12.60 5.36 7.29
N SER A 46 11.73 6.36 7.42
CA SER A 46 10.95 6.54 8.64
C SER A 46 9.50 6.14 8.43
N LEU A 47 8.72 6.19 9.51
CA LEU A 47 7.31 5.82 9.45
C LEU A 47 6.55 6.79 8.54
N ILE A 48 7.02 8.02 8.45
CA ILE A 48 6.39 9.03 7.61
C ILE A 48 6.83 8.89 6.15
N ASN A 49 8.12 8.63 5.96
CA ASN A 49 8.68 8.48 4.62
C ASN A 49 8.10 7.24 3.94
N GLN A 50 7.80 6.22 4.72
CA GLN A 50 7.24 4.98 4.19
C GLN A 50 5.75 5.14 3.88
N HIS A 51 5.07 5.94 4.70
CA HIS A 51 3.64 6.18 4.50
C HIS A 51 3.41 7.22 3.41
N LYS A 52 4.36 8.14 3.26
CA LYS A 52 4.26 9.19 2.26
C LYS A 52 4.68 8.67 0.89
N LEU A 53 5.58 7.70 0.87
CA LEU A 53 6.06 7.11 -0.38
C LEU A 53 4.93 6.43 -1.13
N VAL A 54 4.24 5.52 -0.44
CA VAL A 54 3.13 4.80 -1.04
C VAL A 54 2.13 5.75 -1.70
N LYS A 55 1.93 6.90 -1.06
CA LYS A 55 1.00 7.91 -1.58
C LYS A 55 1.59 8.61 -2.80
N ASN A 56 2.91 8.80 -2.80
CA ASN A 56 3.59 9.46 -3.90
C ASN A 56 3.53 8.60 -5.16
N ALA A 57 3.81 7.31 -5.01
CA ALA A 57 3.79 6.38 -6.13
C ALA A 57 2.42 6.38 -6.82
N LEU A 58 1.40 6.82 -6.09
CA LEU A 58 0.05 6.88 -6.63
C LEU A 58 -0.47 8.31 -6.69
N SER A 59 0.46 9.27 -6.70
CA SER A 59 0.11 10.68 -6.75
C SER A 59 0.02 11.16 -8.19
N GLU A 60 1.10 11.00 -8.93
CA GLU A 60 1.14 11.42 -10.33
C GLU A 60 0.22 10.56 -11.18
N ILE A 61 0.25 9.24 -10.95
CA ILE A 61 -0.58 8.32 -11.70
C ILE A 61 -2.05 8.45 -11.30
N LEU A 62 -2.30 8.43 -9.99
CA LEU A 62 -3.66 8.55 -9.47
C LEU A 62 -4.50 7.35 -9.89
N ASN A 63 -3.92 6.16 -9.82
CA ASN A 63 -4.63 4.94 -10.20
C ASN A 63 -5.98 4.85 -9.50
N LYS A 64 -5.95 5.02 -8.17
CA LYS A 64 -7.18 4.95 -7.38
C LYS A 64 -7.56 6.33 -6.86
N LYS A 65 -8.85 6.54 -6.63
CA LYS A 65 -9.34 7.82 -6.13
C LYS A 65 -10.22 7.62 -4.90
N LEU A 66 -10.14 8.54 -3.96
CA LEU A 66 -10.93 8.47 -2.73
C LEU A 66 -10.77 7.10 -2.06
N HIS A 67 -9.57 6.82 -1.57
CA HIS A 67 -9.29 5.56 -0.90
C HIS A 67 -8.40 5.77 0.32
N SER A 68 -8.94 5.48 1.50
CA SER A 68 -8.20 5.64 2.75
C SER A 68 -8.08 4.32 3.48
N ILE A 69 -6.85 3.87 3.71
CA ILE A 69 -6.60 2.61 4.40
C ILE A 69 -5.25 2.65 5.12
N SER A 70 -5.02 1.64 5.96
CA SER A 70 -3.78 1.55 6.72
C SER A 70 -2.65 1.00 5.85
N ILE A 71 -1.45 1.53 6.03
CA ILE A 71 -0.29 1.09 5.28
C ILE A 71 0.80 0.55 6.20
N LYS A 72 0.98 -0.77 6.18
CA LYS A 72 2.00 -1.40 7.01
C LYS A 72 3.35 -1.41 6.31
N THR A 73 4.40 -1.06 7.05
CA THR A 73 5.75 -1.03 6.50
C THR A 73 6.50 -2.32 6.81
N ILE A 74 6.99 -2.97 5.75
CA ILE A 74 7.73 -4.22 5.90
C ILE A 74 9.03 -4.19 5.11
N SER A 75 10.13 -4.49 5.77
CA SER A 75 11.44 -4.49 5.13
C SER A 75 12.06 -5.89 5.17
N ILE A 76 12.86 -6.20 4.16
CA ILE A 76 13.52 -7.50 4.08
C ILE A 76 14.42 -7.59 2.86
N PRO A 77 15.61 -6.98 2.96
CA PRO A 77 16.60 -6.97 1.87
C PRO A 77 17.22 -8.34 1.65
N MET A 1 -16.38 3.26 -2.53
CA MET A 1 -16.48 2.16 -3.49
C MET A 1 -15.46 1.08 -3.17
N ALA A 2 -15.94 -0.15 -3.04
CA ALA A 2 -15.07 -1.28 -2.73
C ALA A 2 -14.61 -1.98 -4.01
N ILE A 3 -13.31 -2.26 -4.08
CA ILE A 3 -12.74 -2.91 -5.26
C ILE A 3 -11.98 -4.17 -4.86
N SER A 4 -11.91 -5.14 -5.76
CA SER A 4 -11.21 -6.39 -5.51
C SER A 4 -9.79 -6.13 -5.03
N ALA A 5 -9.34 -6.91 -4.06
CA ALA A 5 -8.00 -6.76 -3.52
C ALA A 5 -6.94 -6.95 -4.60
N GLU A 6 -7.26 -7.76 -5.60
CA GLU A 6 -6.34 -8.01 -6.70
C GLU A 6 -6.06 -6.73 -7.48
N GLU A 7 -6.98 -5.78 -7.40
CA GLU A 7 -6.83 -4.52 -8.11
C GLU A 7 -6.03 -3.52 -7.28
N LEU A 8 -6.05 -3.71 -5.95
CA LEU A 8 -5.32 -2.84 -5.04
C LEU A 8 -3.82 -2.95 -5.27
N GLU A 9 -3.33 -4.17 -5.39
CA GLU A 9 -1.91 -4.41 -5.61
C GLU A 9 -1.44 -3.77 -6.91
N LYS A 10 -2.33 -3.74 -7.90
CA LYS A 10 -2.01 -3.15 -9.20
C LYS A 10 -1.40 -1.76 -9.03
N ILE A 11 -1.83 -1.05 -8.00
CA ILE A 11 -1.34 0.29 -7.72
C ILE A 11 0.08 0.24 -7.16
N LEU A 12 0.28 -0.59 -6.15
CA LEU A 12 1.60 -0.74 -5.53
C LEU A 12 2.57 -1.43 -6.47
N LYS A 13 2.05 -1.99 -7.56
CA LYS A 13 2.88 -2.68 -8.54
C LYS A 13 3.42 -1.71 -9.57
N LYS A 14 2.56 -0.81 -10.04
CA LYS A 14 2.95 0.19 -11.04
C LYS A 14 4.18 0.97 -10.58
N SER A 15 4.34 1.09 -9.26
CA SER A 15 5.48 1.81 -8.70
C SER A 15 6.44 0.85 -8.02
N PHE A 16 5.91 -0.02 -7.18
CA PHE A 16 6.72 -0.99 -6.46
C PHE A 16 6.41 -2.42 -6.93
N PRO A 17 6.92 -2.76 -8.12
CA PRO A 17 6.72 -4.09 -8.70
C PRO A 17 7.46 -5.18 -7.94
N SER A 18 8.53 -4.80 -7.26
CA SER A 18 9.34 -5.74 -6.50
C SER A 18 8.88 -5.80 -5.04
N SER A 19 7.67 -5.34 -4.79
CA SER A 19 7.10 -5.33 -3.44
C SER A 19 5.95 -6.32 -3.33
N VAL A 20 5.92 -7.05 -2.22
CA VAL A 20 4.87 -8.03 -1.98
C VAL A 20 3.62 -7.38 -1.41
N ILE A 21 2.56 -7.31 -2.22
CA ILE A 21 1.32 -6.70 -1.78
C ILE A 21 0.34 -7.76 -1.28
N LYS A 22 -0.23 -7.51 -0.11
CA LYS A 22 -1.18 -8.44 0.49
C LYS A 22 -2.26 -7.69 1.28
N ILE A 23 -3.50 -8.14 1.14
CA ILE A 23 -4.62 -7.52 1.83
C ILE A 23 -5.09 -8.38 3.01
N THR A 24 -5.39 -7.73 4.13
CA THR A 24 -5.85 -8.43 5.31
C THR A 24 -6.96 -7.65 6.02
N ASP A 25 -8.01 -8.36 6.42
CA ASP A 25 -9.14 -7.73 7.11
C ASP A 25 -8.92 -7.74 8.62
N LEU A 26 -9.13 -6.58 9.25
CA LEU A 26 -8.96 -6.46 10.69
C LEU A 26 -10.31 -6.40 11.40
N VAL A 27 -11.22 -5.59 10.86
CA VAL A 27 -12.55 -5.46 11.45
C VAL A 27 -13.63 -5.66 10.39
N GLY A 28 -14.81 -6.08 10.84
CA GLY A 28 -15.91 -6.31 9.92
C GLY A 28 -17.04 -5.31 10.12
N ASP A 29 -16.69 -4.09 10.49
CA ASP A 29 -17.69 -3.05 10.71
C ASP A 29 -17.29 -1.75 10.01
N GLN A 30 -16.02 -1.38 10.15
CA GLN A 30 -15.52 -0.16 9.53
C GLN A 30 -14.75 -0.48 8.26
N ASP A 31 -14.71 0.48 7.33
CA ASP A 31 -14.01 0.31 6.07
C ASP A 31 -12.50 0.48 6.26
N HIS A 32 -11.92 -0.38 7.09
CA HIS A 32 -10.48 -0.32 7.36
C HIS A 32 -9.75 -1.44 6.63
N TYR A 33 -8.85 -1.06 5.72
CA TYR A 33 -8.09 -2.03 4.95
C TYR A 33 -6.62 -2.03 5.37
N ALA A 34 -6.12 -3.19 5.74
CA ALA A 34 -4.72 -3.33 6.16
C ALA A 34 -3.82 -3.67 4.98
N LEU A 35 -3.10 -2.68 4.48
CA LEU A 35 -2.20 -2.88 3.35
C LEU A 35 -0.83 -3.37 3.82
N GLU A 36 -0.35 -4.45 3.20
CA GLU A 36 0.94 -5.01 3.56
C GLU A 36 1.88 -5.02 2.36
N ILE A 37 2.93 -4.21 2.43
CA ILE A 37 3.91 -4.12 1.35
C ILE A 37 5.29 -4.53 1.83
N SER A 38 5.90 -5.46 1.11
CA SER A 38 7.23 -5.94 1.47
C SER A 38 8.22 -5.68 0.34
N ASP A 39 9.01 -4.62 0.49
CA ASP A 39 10.00 -4.26 -0.53
C ASP A 39 11.38 -4.07 0.10
N ALA A 40 12.36 -3.73 -0.72
CA ALA A 40 13.72 -3.52 -0.25
C ALA A 40 14.25 -2.15 -0.68
N GLN A 41 13.35 -1.18 -0.76
CA GLN A 41 13.73 0.17 -1.16
C GLN A 41 13.52 1.16 -0.02
N PHE A 42 12.64 0.80 0.91
CA PHE A 42 12.33 1.65 2.05
C PHE A 42 13.59 1.91 2.89
N ASN A 43 14.59 1.07 2.71
CA ASN A 43 15.85 1.20 3.45
C ASN A 43 16.38 2.62 3.34
N GLY A 44 16.44 3.32 4.48
CA GLY A 44 16.94 4.68 4.49
C GLY A 44 15.83 5.70 4.63
N LEU A 45 14.66 5.24 5.06
CA LEU A 45 13.51 6.12 5.24
C LEU A 45 12.95 6.02 6.65
N SER A 46 11.91 6.79 6.94
CA SER A 46 11.27 6.78 8.25
C SER A 46 9.82 6.33 8.15
N LEU A 47 9.18 6.15 9.30
CA LEU A 47 7.79 5.72 9.35
C LEU A 47 6.90 6.67 8.57
N ILE A 48 7.36 7.92 8.41
CA ILE A 48 6.60 8.92 7.68
C ILE A 48 6.79 8.77 6.17
N ASN A 49 8.04 8.70 5.75
CA ASN A 49 8.36 8.54 4.33
C ASN A 49 7.81 7.23 3.79
N GLN A 50 7.83 6.20 4.63
CA GLN A 50 7.33 4.89 4.23
C GLN A 50 5.82 4.92 4.02
N HIS A 51 5.12 5.56 4.95
CA HIS A 51 3.66 5.67 4.87
C HIS A 51 3.25 6.68 3.82
N LYS A 52 4.13 7.64 3.54
CA LYS A 52 3.85 8.67 2.56
C LYS A 52 4.10 8.16 1.14
N LEU A 53 5.21 7.46 0.96
CA LEU A 53 5.57 6.91 -0.34
C LEU A 53 4.39 6.16 -0.96
N VAL A 54 3.85 5.20 -0.22
CA VAL A 54 2.72 4.42 -0.69
C VAL A 54 1.58 5.32 -1.15
N LYS A 55 1.45 6.47 -0.50
CA LYS A 55 0.40 7.43 -0.84
C LYS A 55 0.78 8.24 -2.07
N ASN A 56 2.08 8.45 -2.24
CA ASN A 56 2.59 9.22 -3.38
C ASN A 56 2.62 8.37 -4.65
N ALA A 57 2.79 7.05 -4.46
CA ALA A 57 2.83 6.12 -5.59
C ALA A 57 1.50 6.06 -6.31
N LEU A 58 0.46 6.59 -5.66
CA LEU A 58 -0.88 6.60 -6.24
C LEU A 58 -1.39 8.02 -6.43
N SER A 59 -0.62 8.99 -5.95
CA SER A 59 -0.99 10.40 -6.07
C SER A 59 -0.43 11.00 -7.36
N GLU A 60 0.72 10.49 -7.79
CA GLU A 60 1.35 10.98 -9.01
C GLU A 60 0.96 10.12 -10.21
N ILE A 61 0.84 8.82 -9.99
CA ILE A 61 0.46 7.90 -11.05
C ILE A 61 -1.04 7.97 -11.35
N LEU A 62 -1.81 8.36 -10.33
CA LEU A 62 -3.26 8.47 -10.48
C LEU A 62 -3.86 7.15 -10.92
N ASN A 63 -3.61 6.10 -10.14
CA ASN A 63 -4.13 4.77 -10.45
C ASN A 63 -5.47 4.54 -9.75
N LYS A 64 -5.53 4.88 -8.47
CA LYS A 64 -6.76 4.72 -7.70
C LYS A 64 -7.00 5.93 -6.81
N LYS A 65 -8.28 6.22 -6.54
CA LYS A 65 -8.65 7.36 -5.71
C LYS A 65 -7.96 7.29 -4.35
N LEU A 66 -7.78 8.44 -3.72
CA LEU A 66 -7.13 8.50 -2.41
C LEU A 66 -8.10 8.10 -1.31
N HIS A 67 -7.55 7.80 -0.13
CA HIS A 67 -8.38 7.40 1.00
C HIS A 67 -7.51 7.17 2.25
N SER A 68 -8.16 6.88 3.36
CA SER A 68 -7.45 6.64 4.62
C SER A 68 -7.48 5.16 4.98
N ILE A 69 -6.29 4.57 5.09
CA ILE A 69 -6.17 3.16 5.44
C ILE A 69 -4.86 2.87 6.16
N SER A 70 -4.74 1.67 6.70
CA SER A 70 -3.54 1.27 7.42
C SER A 70 -2.50 0.69 6.47
N ILE A 71 -1.29 1.23 6.52
CA ILE A 71 -0.21 0.77 5.66
C ILE A 71 0.95 0.23 6.49
N LYS A 72 1.22 -1.07 6.35
CA LYS A 72 2.30 -1.71 7.07
C LYS A 72 3.56 -1.82 6.21
N THR A 73 4.70 -1.50 6.80
CA THR A 73 5.98 -1.56 6.08
C THR A 73 6.72 -2.85 6.40
N ILE A 74 6.91 -3.68 5.38
CA ILE A 74 7.61 -4.95 5.55
C ILE A 74 8.94 -4.94 4.78
N SER A 75 9.93 -5.64 5.33
CA SER A 75 11.24 -5.72 4.69
C SER A 75 11.59 -7.17 4.36
N ILE A 76 12.31 -7.36 3.25
CA ILE A 76 12.71 -8.69 2.81
C ILE A 76 14.18 -8.72 2.42
N PRO A 77 15.06 -8.77 3.43
CA PRO A 77 16.51 -8.81 3.23
C PRO A 77 16.97 -10.13 2.63
N MET A 1 -15.35 -1.02 -0.69
CA MET A 1 -15.65 -2.28 -1.34
C MET A 1 -16.13 -2.05 -2.78
N ALA A 2 -15.30 -1.41 -3.58
CA ALA A 2 -15.64 -1.13 -4.97
C ALA A 2 -14.91 -2.08 -5.92
N ILE A 3 -13.58 -1.99 -5.91
CA ILE A 3 -12.75 -2.83 -6.78
C ILE A 3 -12.19 -4.02 -6.00
N SER A 4 -11.96 -5.12 -6.71
CA SER A 4 -11.42 -6.33 -6.09
C SER A 4 -10.14 -6.01 -5.31
N ALA A 5 -10.00 -6.65 -4.15
CA ALA A 5 -8.83 -6.44 -3.31
C ALA A 5 -7.55 -6.84 -4.04
N GLU A 6 -7.69 -7.75 -5.00
CA GLU A 6 -6.54 -8.22 -5.78
C GLU A 6 -5.98 -7.10 -6.65
N GLU A 7 -6.82 -6.13 -6.99
CA GLU A 7 -6.41 -5.01 -7.82
C GLU A 7 -5.66 -3.97 -6.99
N LEU A 8 -5.86 -4.00 -5.69
CA LEU A 8 -5.20 -3.07 -4.79
C LEU A 8 -3.69 -3.07 -5.01
N GLU A 9 -3.17 -4.22 -5.43
CA GLU A 9 -1.73 -4.35 -5.68
C GLU A 9 -1.34 -3.66 -6.97
N LYS A 10 -2.24 -3.68 -7.95
CA LYS A 10 -1.99 -3.05 -9.25
C LYS A 10 -1.50 -1.62 -9.06
N ILE A 11 -1.96 -0.97 -8.00
CA ILE A 11 -1.56 0.40 -7.72
C ILE A 11 -0.12 0.47 -7.23
N LEU A 12 0.12 -0.06 -6.03
CA LEU A 12 1.46 -0.06 -5.46
C LEU A 12 2.48 -0.64 -6.45
N LYS A 13 2.04 -1.60 -7.25
CA LYS A 13 2.91 -2.23 -8.23
C LYS A 13 3.58 -1.18 -9.11
N LYS A 14 2.92 -0.05 -9.30
CA LYS A 14 3.46 1.03 -10.11
C LYS A 14 4.81 1.50 -9.57
N SER A 15 4.99 1.36 -8.26
CA SER A 15 6.24 1.78 -7.61
C SER A 15 7.03 0.56 -7.14
N PHE A 16 6.36 -0.31 -6.39
CA PHE A 16 7.00 -1.52 -5.87
C PHE A 16 6.41 -2.77 -6.52
N PRO A 17 6.83 -3.04 -7.77
CA PRO A 17 6.37 -4.20 -8.53
C PRO A 17 6.90 -5.51 -7.96
N SER A 18 8.22 -5.56 -7.74
CA SER A 18 8.84 -6.77 -7.20
C SER A 18 8.37 -7.04 -5.78
N SER A 19 7.91 -6.00 -5.11
CA SER A 19 7.42 -6.12 -3.74
C SER A 19 6.25 -7.09 -3.67
N VAL A 20 5.86 -7.44 -2.44
CA VAL A 20 4.74 -8.36 -2.24
C VAL A 20 3.54 -7.64 -1.62
N ILE A 21 2.61 -7.22 -2.47
CA ILE A 21 1.42 -6.52 -2.00
C ILE A 21 0.33 -7.50 -1.57
N LYS A 22 -0.18 -7.31 -0.36
CA LYS A 22 -1.22 -8.18 0.18
C LYS A 22 -2.12 -7.41 1.14
N ILE A 23 -3.35 -7.88 1.29
CA ILE A 23 -4.31 -7.24 2.19
C ILE A 23 -4.62 -8.13 3.39
N THR A 24 -4.92 -7.52 4.52
CA THR A 24 -5.23 -8.25 5.74
C THR A 24 -6.59 -7.83 6.30
N ASP A 25 -7.36 -8.81 6.77
CA ASP A 25 -8.67 -8.53 7.34
C ASP A 25 -8.58 -8.28 8.83
N LEU A 26 -8.38 -7.02 9.21
CA LEU A 26 -8.27 -6.65 10.62
C LEU A 26 -9.25 -5.52 10.96
N VAL A 27 -10.37 -5.48 10.24
CA VAL A 27 -11.38 -4.46 10.47
C VAL A 27 -12.78 -5.04 10.34
N GLY A 28 -13.75 -4.39 10.99
CA GLY A 28 -15.12 -4.86 10.93
C GLY A 28 -15.90 -4.25 9.79
N ASP A 29 -15.27 -4.18 8.61
CA ASP A 29 -15.90 -3.61 7.43
C ASP A 29 -16.45 -2.22 7.73
N GLN A 30 -15.61 -1.21 7.54
CA GLN A 30 -16.01 0.17 7.78
C GLN A 30 -15.11 1.14 7.02
N ASP A 31 -14.88 0.84 5.75
CA ASP A 31 -14.04 1.68 4.90
C ASP A 31 -12.61 1.70 5.41
N HIS A 32 -12.01 0.52 5.55
CA HIS A 32 -10.65 0.40 6.03
C HIS A 32 -10.05 -0.95 5.66
N TYR A 33 -8.72 -1.01 5.58
CA TYR A 33 -8.04 -2.25 5.23
C TYR A 33 -6.58 -2.20 5.68
N ALA A 34 -6.01 -3.38 5.95
CA ALA A 34 -4.63 -3.48 6.39
C ALA A 34 -3.71 -3.87 5.23
N LEU A 35 -3.04 -2.88 4.66
CA LEU A 35 -2.13 -3.13 3.54
C LEU A 35 -0.75 -3.55 4.04
N GLU A 36 -0.14 -4.50 3.34
CA GLU A 36 1.18 -5.00 3.72
C GLU A 36 2.05 -5.20 2.48
N ILE A 37 3.14 -4.45 2.41
CA ILE A 37 4.06 -4.54 1.29
C ILE A 37 5.45 -5.00 1.74
N SER A 38 6.11 -5.80 0.91
CA SER A 38 7.44 -6.31 1.23
C SER A 38 8.47 -5.81 0.22
N ASP A 39 9.20 -4.76 0.60
CA ASP A 39 10.22 -4.19 -0.27
C ASP A 39 11.58 -4.17 0.42
N ALA A 40 12.62 -3.83 -0.33
CA ALA A 40 13.97 -3.77 0.21
C ALA A 40 14.62 -2.42 -0.08
N GLN A 41 13.80 -1.45 -0.46
CA GLN A 41 14.30 -0.11 -0.76
C GLN A 41 14.00 0.86 0.38
N PHE A 42 13.01 0.51 1.20
CA PHE A 42 12.62 1.35 2.32
C PHE A 42 13.80 1.58 3.27
N ASN A 43 14.78 0.68 3.21
CA ASN A 43 15.96 0.78 4.05
C ASN A 43 16.58 2.17 3.96
N GLY A 44 16.45 2.94 5.04
CA GLY A 44 17.01 4.28 5.06
C GLY A 44 15.94 5.35 5.20
N LEU A 45 14.69 4.95 5.02
CA LEU A 45 13.56 5.88 5.12
C LEU A 45 12.96 5.84 6.52
N SER A 46 12.03 6.75 6.78
CA SER A 46 11.36 6.83 8.08
C SER A 46 9.94 6.30 7.99
N LEU A 47 9.33 6.07 9.16
CA LEU A 47 7.97 5.56 9.22
C LEU A 47 7.02 6.46 8.45
N ILE A 48 7.38 7.73 8.32
CA ILE A 48 6.56 8.70 7.59
C ILE A 48 6.80 8.60 6.10
N ASN A 49 8.05 8.46 5.70
CA ASN A 49 8.41 8.35 4.29
C ASN A 49 7.84 7.07 3.68
N GLN A 50 7.87 5.99 4.46
CA GLN A 50 7.36 4.70 3.99
C GLN A 50 5.85 4.77 3.77
N HIS A 51 5.16 5.47 4.66
CA HIS A 51 3.70 5.60 4.56
C HIS A 51 3.33 6.68 3.54
N LYS A 52 4.25 7.62 3.32
CA LYS A 52 4.02 8.70 2.38
C LYS A 52 4.26 8.24 0.94
N LEU A 53 5.36 7.52 0.74
CA LEU A 53 5.71 7.01 -0.58
C LEU A 53 4.53 6.27 -1.21
N VAL A 54 3.99 5.31 -0.48
CA VAL A 54 2.86 4.52 -0.95
C VAL A 54 1.69 5.42 -1.35
N LYS A 55 1.56 6.54 -0.65
CA LYS A 55 0.49 7.49 -0.94
C LYS A 55 0.84 8.37 -2.13
N ASN A 56 2.13 8.58 -2.36
CA ASN A 56 2.60 9.40 -3.47
C ASN A 56 2.58 8.60 -4.78
N ALA A 57 2.93 7.33 -4.68
CA ALA A 57 2.96 6.46 -5.86
C ALA A 57 1.55 6.30 -6.45
N LEU A 58 0.55 6.66 -5.67
CA LEU A 58 -0.84 6.55 -6.11
C LEU A 58 -1.47 7.94 -6.25
N SER A 59 -0.79 8.95 -5.72
CA SER A 59 -1.28 10.32 -5.78
C SER A 59 -0.95 10.95 -7.13
N GLU A 60 0.10 10.45 -7.76
CA GLU A 60 0.53 10.97 -9.06
C GLU A 60 -0.09 10.16 -10.20
N ILE A 61 -0.16 8.85 -10.02
CA ILE A 61 -0.73 7.97 -11.03
C ILE A 61 -2.26 8.04 -11.03
N LEU A 62 -2.82 8.39 -9.88
CA LEU A 62 -4.27 8.51 -9.74
C LEU A 62 -4.95 7.19 -10.09
N ASN A 63 -4.33 6.09 -9.69
CA ASN A 63 -4.88 4.76 -9.95
C ASN A 63 -5.70 4.27 -8.77
N LYS A 64 -6.44 5.18 -8.15
CA LYS A 64 -7.28 4.84 -7.01
C LYS A 64 -8.27 5.96 -6.69
N LYS A 65 -9.12 5.73 -5.70
CA LYS A 65 -10.11 6.73 -5.31
C LYS A 65 -9.74 7.37 -3.98
N LEU A 66 -10.33 8.53 -3.70
CA LEU A 66 -10.06 9.25 -2.46
C LEU A 66 -10.45 8.40 -1.25
N HIS A 67 -9.46 7.71 -0.68
CA HIS A 67 -9.69 6.87 0.48
C HIS A 67 -8.49 6.89 1.43
N SER A 68 -8.58 6.12 2.51
CA SER A 68 -7.49 6.06 3.48
C SER A 68 -7.46 4.70 4.16
N ILE A 69 -6.33 4.00 4.02
CA ILE A 69 -6.17 2.68 4.62
C ILE A 69 -4.83 2.56 5.34
N SER A 70 -4.66 1.49 6.10
CA SER A 70 -3.43 1.26 6.84
C SER A 70 -2.35 0.67 5.94
N ILE A 71 -1.12 1.15 6.10
CA ILE A 71 -0.01 0.68 5.29
C ILE A 71 1.15 0.20 6.18
N LYS A 72 1.32 -1.11 6.27
CA LYS A 72 2.38 -1.69 7.08
C LYS A 72 3.65 -1.87 6.26
N THR A 73 4.78 -1.46 6.82
CA THR A 73 6.06 -1.57 6.14
C THR A 73 6.78 -2.86 6.53
N ILE A 74 7.07 -3.69 5.54
CA ILE A 74 7.76 -4.96 5.77
C ILE A 74 8.94 -5.14 4.82
N SER A 75 9.97 -5.83 5.30
CA SER A 75 11.16 -6.07 4.49
C SER A 75 11.27 -7.54 4.10
N ILE A 76 11.81 -7.79 2.91
CA ILE A 76 11.97 -9.16 2.42
C ILE A 76 12.67 -10.04 3.45
N PRO A 77 12.44 -11.35 3.36
CA PRO A 77 13.04 -12.33 4.28
C PRO A 77 14.54 -12.48 4.06
N MET A 1 -16.28 -0.44 -2.24
CA MET A 1 -16.78 -0.84 -3.54
C MET A 1 -16.10 -0.04 -4.65
N ALA A 2 -14.81 0.19 -4.51
CA ALA A 2 -14.04 0.95 -5.49
C ALA A 2 -13.46 0.03 -6.56
N ILE A 3 -12.66 -0.94 -6.13
CA ILE A 3 -12.04 -1.88 -7.05
C ILE A 3 -11.64 -3.17 -6.32
N SER A 4 -11.61 -4.27 -7.06
CA SER A 4 -11.25 -5.57 -6.50
C SER A 4 -9.91 -5.48 -5.76
N ALA A 5 -9.85 -6.10 -4.60
CA ALA A 5 -8.62 -6.11 -3.80
C ALA A 5 -7.45 -6.68 -4.59
N GLU A 6 -7.76 -7.56 -5.54
CA GLU A 6 -6.73 -8.18 -6.36
C GLU A 6 -6.04 -7.15 -7.24
N GLU A 7 -6.69 -6.01 -7.45
CA GLU A 7 -6.14 -4.94 -8.27
C GLU A 7 -5.31 -3.97 -7.42
N LEU A 8 -5.56 -3.99 -6.12
CA LEU A 8 -4.85 -3.11 -5.19
C LEU A 8 -3.33 -3.24 -5.38
N GLU A 9 -2.89 -4.41 -5.81
CA GLU A 9 -1.46 -4.66 -6.04
C GLU A 9 -0.99 -3.93 -7.29
N LYS A 10 -1.79 -4.00 -8.35
CA LYS A 10 -1.45 -3.36 -9.61
C LYS A 10 -1.13 -1.88 -9.40
N ILE A 11 -1.72 -1.29 -8.37
CA ILE A 11 -1.50 0.11 -8.06
C ILE A 11 -0.11 0.32 -7.46
N LEU A 12 0.17 -0.37 -6.35
CA LEU A 12 1.45 -0.26 -5.69
C LEU A 12 2.57 -0.80 -6.57
N LYS A 13 2.20 -1.61 -7.55
CA LYS A 13 3.18 -2.20 -8.47
C LYS A 13 3.75 -1.13 -9.40
N LYS A 14 3.04 -0.02 -9.54
CA LYS A 14 3.47 1.07 -10.40
C LYS A 14 4.88 1.51 -10.04
N SER A 15 5.09 1.85 -8.77
CA SER A 15 6.40 2.30 -8.30
C SER A 15 7.10 1.19 -7.52
N PHE A 16 6.30 0.27 -6.97
CA PHE A 16 6.84 -0.84 -6.19
C PHE A 16 6.56 -2.17 -6.88
N PRO A 17 7.27 -2.41 -8.00
CA PRO A 17 7.12 -3.65 -8.78
C PRO A 17 7.67 -4.86 -8.05
N SER A 18 8.64 -4.64 -7.18
CA SER A 18 9.27 -5.71 -6.42
C SER A 18 8.69 -5.78 -5.01
N SER A 19 7.50 -5.21 -4.83
CA SER A 19 6.84 -5.20 -3.53
C SER A 19 5.77 -6.29 -3.46
N VAL A 20 5.53 -6.79 -2.25
CA VAL A 20 4.53 -7.84 -2.04
C VAL A 20 3.24 -7.26 -1.49
N ILE A 21 2.28 -7.00 -2.38
CA ILE A 21 0.99 -6.44 -1.99
C ILE A 21 0.07 -7.53 -1.47
N LYS A 22 -0.37 -7.38 -0.22
CA LYS A 22 -1.27 -8.36 0.40
C LYS A 22 -2.34 -7.65 1.22
N ILE A 23 -3.56 -8.14 1.13
CA ILE A 23 -4.68 -7.56 1.87
C ILE A 23 -4.91 -8.29 3.19
N THR A 24 -5.26 -7.54 4.23
CA THR A 24 -5.50 -8.12 5.54
C THR A 24 -6.61 -7.37 6.28
N ASP A 25 -7.51 -8.12 6.90
CA ASP A 25 -8.62 -7.53 7.64
C ASP A 25 -8.20 -7.14 9.05
N LEU A 26 -8.48 -5.90 9.42
CA LEU A 26 -8.11 -5.40 10.75
C LEU A 26 -9.33 -5.34 11.66
N VAL A 27 -10.42 -4.77 11.15
CA VAL A 27 -11.66 -4.66 11.92
C VAL A 27 -12.81 -5.34 11.20
N GLY A 28 -12.79 -5.29 9.88
CA GLY A 28 -13.85 -5.92 9.10
C GLY A 28 -15.08 -5.04 8.98
N ASP A 29 -15.73 -4.78 10.11
CA ASP A 29 -16.93 -3.96 10.13
C ASP A 29 -16.68 -2.62 9.43
N GLN A 30 -15.85 -1.78 10.04
CA GLN A 30 -15.53 -0.47 9.48
C GLN A 30 -14.88 -0.62 8.11
N ASP A 31 -14.99 0.43 7.30
CA ASP A 31 -14.40 0.41 5.96
C ASP A 31 -12.91 0.70 6.02
N HIS A 32 -12.18 -0.15 6.72
CA HIS A 32 -10.73 0.02 6.86
C HIS A 32 -9.99 -1.16 6.22
N TYR A 33 -9.02 -0.84 5.38
CA TYR A 33 -8.24 -1.88 4.70
C TYR A 33 -6.77 -1.80 5.10
N ALA A 34 -6.24 -2.91 5.61
CA ALA A 34 -4.85 -2.98 6.03
C ALA A 34 -3.94 -3.41 4.88
N LEU A 35 -3.23 -2.44 4.31
CA LEU A 35 -2.33 -2.72 3.20
C LEU A 35 -0.91 -3.00 3.70
N GLU A 36 -0.43 -4.22 3.46
CA GLU A 36 0.90 -4.61 3.89
C GLU A 36 1.84 -4.74 2.69
N ILE A 37 2.87 -3.91 2.66
CA ILE A 37 3.85 -3.93 1.57
C ILE A 37 5.23 -4.32 2.08
N SER A 38 5.89 -5.20 1.34
CA SER A 38 7.22 -5.66 1.71
C SER A 38 8.19 -5.53 0.53
N ASP A 39 9.34 -4.91 0.80
CA ASP A 39 10.35 -4.72 -0.23
C ASP A 39 11.70 -4.35 0.39
N ALA A 40 12.75 -4.34 -0.44
CA ALA A 40 14.08 -4.01 0.04
C ALA A 40 14.41 -2.55 -0.22
N GLN A 41 13.40 -1.70 -0.16
CA GLN A 41 13.58 -0.27 -0.39
C GLN A 41 13.26 0.54 0.86
N PHE A 42 12.43 -0.03 1.72
CA PHE A 42 12.03 0.63 2.96
C PHE A 42 12.91 0.17 4.13
N ASN A 43 14.14 -0.20 3.82
CA ASN A 43 15.08 -0.67 4.84
C ASN A 43 15.66 0.51 5.63
N GLY A 44 15.69 1.67 4.99
CA GLY A 44 16.22 2.86 5.65
C GLY A 44 15.18 3.97 5.75
N LEU A 45 14.17 3.92 4.90
CA LEU A 45 13.12 4.93 4.89
C LEU A 45 12.55 5.12 6.29
N SER A 46 11.82 6.22 6.49
CA SER A 46 11.21 6.52 7.78
C SER A 46 9.73 6.19 7.78
N LEU A 47 9.15 6.08 8.96
CA LEU A 47 7.72 5.78 9.09
C LEU A 47 6.88 6.74 8.26
N ILE A 48 7.30 8.00 8.22
CA ILE A 48 6.58 9.01 7.45
C ILE A 48 6.85 8.87 5.96
N ASN A 49 8.11 8.67 5.61
CA ASN A 49 8.51 8.52 4.21
C ASN A 49 7.77 7.33 3.57
N GLN A 50 7.83 6.18 4.24
CA GLN A 50 7.17 4.98 3.74
C GLN A 50 5.70 5.24 3.48
N HIS A 51 5.03 5.90 4.42
CA HIS A 51 3.62 6.21 4.29
C HIS A 51 3.39 7.25 3.20
N LYS A 52 4.41 8.04 2.91
CA LYS A 52 4.32 9.08 1.89
C LYS A 52 4.49 8.47 0.49
N LEU A 53 5.49 7.62 0.34
CA LEU A 53 5.76 6.97 -0.95
C LEU A 53 4.49 6.33 -1.50
N VAL A 54 3.88 5.46 -0.69
CA VAL A 54 2.66 4.76 -1.10
C VAL A 54 1.61 5.76 -1.59
N LYS A 55 1.60 6.95 -1.00
CA LYS A 55 0.65 7.98 -1.39
C LYS A 55 1.10 8.70 -2.65
N ASN A 56 2.41 8.76 -2.86
CA ASN A 56 2.97 9.42 -4.03
C ASN A 56 2.85 8.53 -5.27
N ALA A 57 3.01 7.23 -5.07
CA ALA A 57 2.92 6.27 -6.17
C ALA A 57 1.53 6.33 -6.81
N LEU A 58 0.56 6.86 -6.09
CA LEU A 58 -0.80 6.97 -6.59
C LEU A 58 -1.24 8.44 -6.65
N SER A 59 -0.30 9.35 -6.47
CA SER A 59 -0.59 10.77 -6.49
C SER A 59 -0.43 11.32 -7.91
N GLU A 60 0.52 10.78 -8.65
CA GLU A 60 0.78 11.22 -10.02
C GLU A 60 -0.07 10.43 -11.02
N ILE A 61 -0.26 9.15 -10.72
CA ILE A 61 -1.06 8.28 -11.58
C ILE A 61 -2.53 8.30 -11.19
N LEU A 62 -2.80 8.79 -9.98
CA LEU A 62 -4.18 8.87 -9.49
C LEU A 62 -4.83 7.49 -9.48
N ASN A 63 -4.01 6.45 -9.43
CA ASN A 63 -4.51 5.08 -9.41
C ASN A 63 -5.54 4.89 -8.32
N LYS A 64 -5.09 4.96 -7.07
CA LYS A 64 -5.97 4.80 -5.92
C LYS A 64 -7.16 5.76 -6.01
N LYS A 65 -8.29 5.36 -5.44
CA LYS A 65 -9.49 6.19 -5.45
C LYS A 65 -9.98 6.46 -4.03
N LEU A 66 -9.79 5.49 -3.15
CA LEU A 66 -10.21 5.64 -1.76
C LEU A 66 -9.65 6.92 -1.15
N HIS A 67 -10.13 7.26 0.04
CA HIS A 67 -9.68 8.46 0.73
C HIS A 67 -8.39 8.19 1.50
N SER A 68 -8.45 7.26 2.46
CA SER A 68 -7.30 6.91 3.27
C SER A 68 -7.44 5.51 3.84
N ILE A 69 -6.31 4.86 4.10
CA ILE A 69 -6.31 3.51 4.64
C ILE A 69 -5.03 3.24 5.44
N SER A 70 -5.02 2.13 6.15
CA SER A 70 -3.86 1.76 6.96
C SER A 70 -2.76 1.13 6.09
N ILE A 71 -1.58 1.75 6.11
CA ILE A 71 -0.46 1.26 5.32
C ILE A 71 0.66 0.74 6.23
N LYS A 72 0.84 -0.58 6.25
CA LYS A 72 1.88 -1.19 7.07
C LYS A 72 3.20 -1.27 6.31
N THR A 73 4.28 -0.90 6.98
CA THR A 73 5.60 -0.94 6.37
C THR A 73 6.37 -2.19 6.78
N ILE A 74 6.81 -2.97 5.79
CA ILE A 74 7.56 -4.19 6.06
C ILE A 74 8.91 -4.18 5.34
N SER A 75 9.99 -4.21 6.11
CA SER A 75 11.32 -4.21 5.54
C SER A 75 11.90 -5.62 5.49
N ILE A 76 12.89 -5.82 4.61
CA ILE A 76 13.52 -7.12 4.47
C ILE A 76 15.01 -7.05 4.77
N PRO A 77 15.35 -6.92 6.06
CA PRO A 77 16.74 -6.84 6.52
C PRO A 77 17.47 -8.16 6.35
N MET A 1 -12.61 3.22 -4.53
CA MET A 1 -13.92 3.22 -5.16
C MET A 1 -14.55 1.83 -5.09
N ALA A 2 -14.40 1.17 -3.95
CA ALA A 2 -14.95 -0.16 -3.75
C ALA A 2 -14.44 -1.13 -4.80
N ILE A 3 -13.12 -1.22 -4.94
CA ILE A 3 -12.51 -2.11 -5.92
C ILE A 3 -11.90 -3.33 -5.24
N SER A 4 -11.84 -4.45 -5.97
CA SER A 4 -11.29 -5.69 -5.44
C SER A 4 -9.91 -5.46 -4.86
N ALA A 5 -9.62 -6.11 -3.73
CA ALA A 5 -8.33 -5.98 -3.08
C ALA A 5 -7.20 -6.40 -3.99
N GLU A 6 -7.51 -7.26 -4.97
CA GLU A 6 -6.52 -7.75 -5.92
C GLU A 6 -6.02 -6.62 -6.80
N GLU A 7 -6.84 -5.58 -6.95
CA GLU A 7 -6.46 -4.44 -7.78
C GLU A 7 -5.68 -3.41 -6.97
N LEU A 8 -5.91 -3.39 -5.67
CA LEU A 8 -5.21 -2.46 -4.77
C LEU A 8 -3.71 -2.54 -4.97
N GLU A 9 -3.23 -3.73 -5.34
CA GLU A 9 -1.81 -3.94 -5.57
C GLU A 9 -1.38 -3.41 -6.93
N LYS A 10 -2.28 -3.51 -7.90
CA LYS A 10 -2.00 -3.03 -9.25
C LYS A 10 -1.52 -1.59 -9.24
N ILE A 11 -1.97 -0.83 -8.23
CA ILE A 11 -1.59 0.57 -8.10
C ILE A 11 -0.22 0.71 -7.43
N LEU A 12 0.07 -0.21 -6.51
CA LEU A 12 1.34 -0.19 -5.79
C LEU A 12 2.44 -0.83 -6.64
N LYS A 13 2.04 -1.54 -7.69
CA LYS A 13 2.99 -2.21 -8.56
C LYS A 13 3.69 -1.21 -9.48
N LYS A 14 3.03 -0.07 -9.71
CA LYS A 14 3.58 0.98 -10.56
C LYS A 14 5.01 1.33 -10.14
N SER A 15 5.17 1.68 -8.87
CA SER A 15 6.48 2.05 -8.34
C SER A 15 7.06 0.91 -7.51
N PHE A 16 6.19 0.13 -6.89
CA PHE A 16 6.61 -0.99 -6.06
C PHE A 16 6.14 -2.31 -6.65
N PRO A 17 6.74 -2.71 -7.77
CA PRO A 17 6.40 -3.96 -8.46
C PRO A 17 6.84 -5.19 -7.68
N SER A 18 8.10 -5.20 -7.27
CA SER A 18 8.65 -6.32 -6.51
C SER A 18 8.02 -6.40 -5.13
N SER A 19 7.55 -5.27 -4.63
CA SER A 19 6.92 -5.21 -3.31
C SER A 19 5.83 -6.26 -3.19
N VAL A 20 5.60 -6.71 -1.96
CA VAL A 20 4.57 -7.72 -1.70
C VAL A 20 3.31 -7.09 -1.13
N ILE A 21 2.36 -6.79 -2.01
CA ILE A 21 1.09 -6.18 -1.60
C ILE A 21 0.11 -7.23 -1.12
N LYS A 22 -0.18 -7.21 0.18
CA LYS A 22 -1.12 -8.16 0.77
C LYS A 22 -2.12 -7.45 1.68
N ILE A 23 -3.38 -7.84 1.58
CA ILE A 23 -4.43 -7.23 2.39
C ILE A 23 -4.68 -8.06 3.66
N THR A 24 -4.95 -7.37 4.76
CA THR A 24 -5.22 -8.04 6.03
C THR A 24 -6.43 -7.43 6.73
N ASP A 25 -7.19 -8.28 7.42
CA ASP A 25 -8.38 -7.82 8.12
C ASP A 25 -8.06 -7.51 9.58
N LEU A 26 -8.03 -6.22 9.91
CA LEU A 26 -7.73 -5.79 11.27
C LEU A 26 -9.00 -5.36 12.00
N VAL A 27 -10.12 -5.41 11.29
CA VAL A 27 -11.41 -5.03 11.87
C VAL A 27 -12.50 -6.01 11.47
N GLY A 28 -13.62 -5.98 12.20
CA GLY A 28 -14.72 -6.87 11.91
C GLY A 28 -15.65 -6.30 10.85
N ASP A 29 -15.14 -6.12 9.64
CA ASP A 29 -15.94 -5.58 8.55
C ASP A 29 -16.38 -4.16 8.84
N GLN A 30 -15.40 -3.25 8.94
CA GLN A 30 -15.69 -1.85 9.22
C GLN A 30 -15.45 -0.99 8.00
N ASP A 31 -15.59 -1.58 6.82
CA ASP A 31 -15.39 -0.87 5.56
C ASP A 31 -13.96 -0.34 5.47
N HIS A 32 -13.05 -0.99 6.18
CA HIS A 32 -11.65 -0.59 6.17
C HIS A 32 -10.77 -1.69 5.58
N TYR A 33 -9.49 -1.39 5.40
CA TYR A 33 -8.55 -2.36 4.85
C TYR A 33 -7.13 -2.07 5.33
N ALA A 34 -6.37 -3.15 5.58
CA ALA A 34 -5.00 -3.01 6.04
C ALA A 34 -4.01 -3.34 4.93
N LEU A 35 -3.14 -2.39 4.62
CA LEU A 35 -2.15 -2.58 3.58
C LEU A 35 -0.83 -3.07 4.16
N GLU A 36 -0.21 -4.04 3.50
CA GLU A 36 1.06 -4.60 3.95
C GLU A 36 2.04 -4.72 2.80
N ILE A 37 2.99 -3.79 2.74
CA ILE A 37 4.00 -3.79 1.69
C ILE A 37 5.35 -4.25 2.22
N SER A 38 5.99 -5.15 1.50
CA SER A 38 7.29 -5.69 1.89
C SER A 38 8.26 -5.71 0.72
N ASP A 39 9.46 -5.19 0.93
CA ASP A 39 10.47 -5.15 -0.12
C ASP A 39 11.80 -4.61 0.42
N ALA A 40 12.84 -4.69 -0.40
CA ALA A 40 14.16 -4.21 0.00
C ALA A 40 14.38 -2.76 -0.46
N GLN A 41 13.32 -1.95 -0.36
CA GLN A 41 13.40 -0.56 -0.76
C GLN A 41 13.17 0.37 0.43
N PHE A 42 12.43 -0.11 1.41
CA PHE A 42 12.13 0.68 2.60
C PHE A 42 13.13 0.38 3.71
N ASN A 43 14.40 0.28 3.34
CA ASN A 43 15.47 0.00 4.30
C ASN A 43 16.05 1.29 4.85
N GLY A 44 15.94 2.37 4.07
CA GLY A 44 16.47 3.64 4.51
C GLY A 44 15.38 4.62 4.87
N LEU A 45 14.17 4.37 4.37
CA LEU A 45 13.03 5.25 4.66
C LEU A 45 12.50 5.02 6.07
N SER A 46 11.68 5.94 6.55
CA SER A 46 11.10 5.83 7.88
C SER A 46 9.59 5.61 7.81
N LEU A 47 8.97 5.44 8.97
CA LEU A 47 7.52 5.21 9.03
C LEU A 47 6.77 6.32 8.31
N ILE A 48 7.38 7.50 8.23
CA ILE A 48 6.75 8.64 7.56
C ILE A 48 6.97 8.56 6.05
N ASN A 49 8.23 8.53 5.64
CA ASN A 49 8.57 8.47 4.22
C ASN A 49 7.93 7.24 3.57
N GLN A 50 7.63 6.23 4.38
CA GLN A 50 7.02 5.00 3.88
C GLN A 50 5.52 5.19 3.69
N HIS A 51 4.92 6.03 4.51
CA HIS A 51 3.49 6.29 4.43
C HIS A 51 3.17 7.29 3.31
N LYS A 52 4.13 8.17 3.04
CA LYS A 52 3.96 9.18 1.99
C LYS A 52 4.22 8.58 0.62
N LEU A 53 5.15 7.62 0.56
CA LEU A 53 5.50 6.97 -0.70
C LEU A 53 4.28 6.31 -1.33
N VAL A 54 3.62 5.45 -0.55
CA VAL A 54 2.43 4.75 -1.03
C VAL A 54 1.41 5.72 -1.60
N LYS A 55 1.35 6.92 -1.03
CA LYS A 55 0.43 7.94 -1.47
C LYS A 55 0.93 8.64 -2.73
N ASN A 56 2.25 8.71 -2.86
CA ASN A 56 2.88 9.35 -4.02
C ASN A 56 2.76 8.45 -5.25
N ALA A 57 3.01 7.16 -5.07
CA ALA A 57 2.93 6.21 -6.16
C ALA A 57 1.53 6.19 -6.78
N LEU A 58 0.55 6.66 -6.02
CA LEU A 58 -0.83 6.71 -6.48
C LEU A 58 -1.26 8.14 -6.79
N SER A 59 -0.48 9.09 -6.31
CA SER A 59 -0.79 10.50 -6.52
C SER A 59 -0.13 11.01 -7.81
N GLU A 60 1.02 10.44 -8.15
CA GLU A 60 1.73 10.83 -9.36
C GLU A 60 1.29 9.99 -10.55
N ILE A 61 0.98 8.73 -10.30
CA ILE A 61 0.55 7.82 -11.35
C ILE A 61 -0.94 8.00 -11.66
N LEU A 62 -1.66 8.60 -10.71
CA LEU A 62 -3.09 8.83 -10.87
C LEU A 62 -3.83 7.52 -11.14
N ASN A 63 -3.65 6.56 -10.24
CA ASN A 63 -4.30 5.26 -10.36
C ASN A 63 -5.53 5.18 -9.45
N LYS A 64 -5.52 5.96 -8.39
CA LYS A 64 -6.63 5.97 -7.44
C LYS A 64 -7.17 7.39 -7.26
N LYS A 65 -8.44 7.49 -6.88
CA LYS A 65 -9.07 8.79 -6.67
C LYS A 65 -8.89 9.26 -5.24
N LEU A 66 -9.62 8.65 -4.31
CA LEU A 66 -9.53 9.00 -2.90
C LEU A 66 -9.96 7.84 -2.01
N HIS A 67 -9.14 7.51 -1.03
CA HIS A 67 -9.42 6.42 -0.11
C HIS A 67 -8.50 6.46 1.09
N SER A 68 -9.05 6.22 2.28
CA SER A 68 -8.27 6.24 3.51
C SER A 68 -8.20 4.84 4.12
N ILE A 69 -6.98 4.32 4.26
CA ILE A 69 -6.77 3.00 4.84
C ILE A 69 -5.45 2.93 5.58
N SER A 70 -5.25 1.84 6.32
CA SER A 70 -4.03 1.65 7.09
C SER A 70 -2.89 1.16 6.19
N ILE A 71 -1.70 1.71 6.41
CA ILE A 71 -0.53 1.33 5.62
C ILE A 71 0.59 0.81 6.53
N LYS A 72 0.96 -0.45 6.32
CA LYS A 72 2.02 -1.07 7.11
C LYS A 72 3.33 -1.09 6.33
N THR A 73 4.44 -0.92 7.04
CA THR A 73 5.75 -0.93 6.42
C THR A 73 6.56 -2.16 6.81
N ILE A 74 7.04 -2.89 5.83
CA ILE A 74 7.82 -4.09 6.07
C ILE A 74 9.12 -4.09 5.27
N SER A 75 10.23 -4.32 5.95
CA SER A 75 11.54 -4.34 5.30
C SER A 75 12.25 -5.67 5.55
N ILE A 76 12.71 -6.30 4.47
CA ILE A 76 13.41 -7.57 4.57
C ILE A 76 14.73 -7.52 3.82
N PRO A 77 15.77 -6.97 4.47
CA PRO A 77 17.11 -6.86 3.89
C PRO A 77 17.80 -8.21 3.75
N MET A 1 -19.54 -1.22 -10.62
CA MET A 1 -19.21 -2.26 -9.65
C MET A 1 -17.81 -2.05 -9.08
N ALA A 2 -17.68 -2.23 -7.77
CA ALA A 2 -16.40 -2.06 -7.10
C ALA A 2 -15.33 -2.93 -7.76
N ILE A 3 -14.07 -2.69 -7.38
CA ILE A 3 -12.96 -3.45 -7.94
C ILE A 3 -12.43 -4.47 -6.93
N SER A 4 -11.89 -5.57 -7.45
CA SER A 4 -11.36 -6.63 -6.60
C SER A 4 -10.22 -6.10 -5.73
N ALA A 5 -10.12 -6.64 -4.51
CA ALA A 5 -9.07 -6.22 -3.59
C ALA A 5 -7.68 -6.54 -4.13
N GLU A 6 -7.62 -7.53 -5.03
CA GLU A 6 -6.36 -7.94 -5.63
C GLU A 6 -5.76 -6.80 -6.46
N GLU A 7 -6.62 -5.91 -6.94
CA GLU A 7 -6.18 -4.78 -7.75
C GLU A 7 -5.43 -3.76 -6.90
N LEU A 8 -5.64 -3.82 -5.59
CA LEU A 8 -4.98 -2.90 -4.66
C LEU A 8 -3.47 -2.95 -4.84
N GLU A 9 -2.96 -4.07 -5.32
CA GLU A 9 -1.54 -4.24 -5.54
C GLU A 9 -1.09 -3.53 -6.82
N LYS A 10 -1.96 -3.53 -7.83
CA LYS A 10 -1.66 -2.88 -9.10
C LYS A 10 -1.20 -1.45 -8.89
N ILE A 11 -1.73 -0.80 -7.85
CA ILE A 11 -1.36 0.57 -7.54
C ILE A 11 0.05 0.65 -6.98
N LEU A 12 0.30 -0.07 -5.89
CA LEU A 12 1.61 -0.09 -5.25
C LEU A 12 2.67 -0.62 -6.21
N LYS A 13 2.24 -1.40 -7.20
CA LYS A 13 3.14 -1.97 -8.19
C LYS A 13 3.81 -0.87 -9.01
N LYS A 14 3.08 0.22 -9.23
CA LYS A 14 3.61 1.34 -10.00
C LYS A 14 4.96 1.79 -9.46
N SER A 15 5.16 1.62 -8.16
CA SER A 15 6.41 2.01 -7.52
C SER A 15 7.20 0.78 -7.07
N PHE A 16 6.58 -0.03 -6.21
CA PHE A 16 7.22 -1.24 -5.70
C PHE A 16 6.52 -2.49 -6.24
N PRO A 17 6.82 -2.84 -7.51
CA PRO A 17 6.24 -4.01 -8.15
C PRO A 17 6.74 -5.32 -7.56
N SER A 18 8.06 -5.43 -7.41
CA SER A 18 8.66 -6.64 -6.86
C SER A 18 8.17 -6.89 -5.43
N SER A 19 7.74 -5.83 -4.77
CA SER A 19 7.24 -5.93 -3.40
C SER A 19 6.09 -6.93 -3.31
N VAL A 20 5.73 -7.31 -2.09
CA VAL A 20 4.65 -8.26 -1.87
C VAL A 20 3.43 -7.56 -1.27
N ILE A 21 2.49 -7.20 -2.13
CA ILE A 21 1.27 -6.53 -1.69
C ILE A 21 0.24 -7.54 -1.20
N LYS A 22 -0.33 -7.26 -0.02
CA LYS A 22 -1.33 -8.15 0.57
C LYS A 22 -2.32 -7.36 1.42
N ILE A 23 -3.57 -7.78 1.42
CA ILE A 23 -4.61 -7.11 2.19
C ILE A 23 -4.91 -7.87 3.48
N THR A 24 -5.18 -7.13 4.55
CA THR A 24 -5.50 -7.74 5.83
C THR A 24 -6.80 -7.18 6.40
N ASP A 25 -7.65 -8.08 6.90
CA ASP A 25 -8.93 -7.68 7.48
C ASP A 25 -8.82 -7.52 8.99
N LEU A 26 -8.99 -6.30 9.47
CA LEU A 26 -8.91 -6.02 10.90
C LEU A 26 -10.23 -6.31 11.59
N VAL A 27 -11.33 -5.79 11.03
CA VAL A 27 -12.65 -6.01 11.60
C VAL A 27 -13.59 -6.60 10.56
N GLY A 28 -13.48 -6.13 9.31
CA GLY A 28 -14.34 -6.63 8.25
C GLY A 28 -15.46 -5.67 7.92
N ASP A 29 -16.43 -5.57 8.82
CA ASP A 29 -17.57 -4.69 8.62
C ASP A 29 -17.11 -3.27 8.28
N GLN A 30 -16.50 -2.61 9.25
CA GLN A 30 -16.02 -1.25 9.06
C GLN A 30 -15.11 -1.16 7.84
N ASP A 31 -15.02 0.03 7.26
CA ASP A 31 -14.18 0.24 6.08
C ASP A 31 -12.71 0.35 6.47
N HIS A 32 -12.18 -0.70 7.07
CA HIS A 32 -10.78 -0.72 7.49
C HIS A 32 -9.97 -1.67 6.63
N TYR A 33 -8.95 -1.13 5.96
CA TYR A 33 -8.10 -1.92 5.08
C TYR A 33 -6.63 -1.80 5.51
N ALA A 34 -6.07 -2.91 5.98
CA ALA A 34 -4.68 -2.94 6.42
C ALA A 34 -3.75 -3.37 5.28
N LEU A 35 -3.11 -2.41 4.64
CA LEU A 35 -2.20 -2.69 3.54
C LEU A 35 -0.82 -3.09 4.06
N GLU A 36 -0.35 -4.27 3.66
CA GLU A 36 0.95 -4.76 4.09
C GLU A 36 1.85 -5.02 2.89
N ILE A 37 2.91 -4.22 2.76
CA ILE A 37 3.85 -4.36 1.66
C ILE A 37 5.24 -4.73 2.17
N SER A 38 5.95 -5.54 1.39
CA SER A 38 7.30 -5.96 1.77
C SER A 38 8.28 -5.71 0.63
N ASP A 39 9.33 -4.95 0.92
CA ASP A 39 10.34 -4.63 -0.07
C ASP A 39 11.73 -4.52 0.57
N ALA A 40 12.74 -4.29 -0.25
CA ALA A 40 14.11 -4.17 0.24
C ALA A 40 14.70 -2.81 -0.13
N GLN A 41 13.84 -1.82 -0.29
CA GLN A 41 14.29 -0.47 -0.64
C GLN A 41 13.86 0.54 0.42
N PHE A 42 12.73 0.29 1.06
CA PHE A 42 12.22 1.18 2.09
C PHE A 42 13.16 1.22 3.29
N ASN A 43 14.07 0.25 3.35
CA ASN A 43 15.02 0.17 4.45
C ASN A 43 15.74 1.50 4.64
N GLY A 44 15.91 2.25 3.56
CA GLY A 44 16.56 3.53 3.63
C GLY A 44 15.59 4.68 3.76
N LEU A 45 14.56 4.50 4.57
CA LEU A 45 13.54 5.52 4.78
C LEU A 45 12.95 5.43 6.19
N SER A 46 11.97 6.27 6.46
CA SER A 46 11.32 6.29 7.77
C SER A 46 9.82 6.01 7.63
N LEU A 47 9.14 5.90 8.77
CA LEU A 47 7.71 5.64 8.78
C LEU A 47 6.95 6.71 8.00
N ILE A 48 7.54 7.90 7.92
CA ILE A 48 6.93 9.01 7.20
C ILE A 48 7.10 8.84 5.69
N ASN A 49 8.34 8.68 5.26
CA ASN A 49 8.64 8.50 3.83
C ASN A 49 8.01 7.23 3.30
N GLN A 50 7.93 6.21 4.16
CA GLN A 50 7.34 4.93 3.77
C GLN A 50 5.85 5.06 3.55
N HIS A 51 5.17 5.79 4.43
CA HIS A 51 3.74 5.99 4.33
C HIS A 51 3.41 7.04 3.27
N LYS A 52 4.36 7.94 3.02
CA LYS A 52 4.18 9.00 2.04
C LYS A 52 4.43 8.48 0.63
N LEU A 53 5.52 7.73 0.47
CA LEU A 53 5.88 7.17 -0.83
C LEU A 53 4.68 6.47 -1.48
N VAL A 54 4.08 5.55 -0.73
CA VAL A 54 2.93 4.80 -1.22
C VAL A 54 1.83 5.74 -1.69
N LYS A 55 1.73 6.91 -1.06
CA LYS A 55 0.73 7.90 -1.41
C LYS A 55 1.16 8.70 -2.64
N ASN A 56 2.48 8.86 -2.81
CA ASN A 56 3.01 9.59 -3.95
C ASN A 56 3.01 8.73 -5.20
N ALA A 57 3.25 7.43 -5.03
CA ALA A 57 3.28 6.50 -6.15
C ALA A 57 1.96 6.54 -6.92
N LEU A 58 0.90 6.97 -6.26
CA LEU A 58 -0.41 7.06 -6.88
C LEU A 58 -0.94 8.49 -6.87
N SER A 59 -0.02 9.45 -6.71
CA SER A 59 -0.38 10.86 -6.68
C SER A 59 -0.33 11.46 -8.08
N GLU A 60 0.41 10.80 -8.97
CA GLU A 60 0.54 11.28 -10.34
C GLU A 60 -0.38 10.50 -11.28
N ILE A 61 -0.49 9.20 -11.04
CA ILE A 61 -1.33 8.35 -11.86
C ILE A 61 -2.76 8.32 -11.32
N LEU A 62 -2.91 8.58 -10.04
CA LEU A 62 -4.23 8.59 -9.40
C LEU A 62 -4.93 7.25 -9.59
N ASN A 63 -4.16 6.17 -9.55
CA ASN A 63 -4.70 4.82 -9.71
C ASN A 63 -5.87 4.60 -8.75
N LYS A 64 -5.62 4.76 -7.46
CA LYS A 64 -6.64 4.58 -6.45
C LYS A 64 -7.37 5.89 -6.16
N LYS A 65 -8.63 5.78 -5.77
CA LYS A 65 -9.45 6.96 -5.46
C LYS A 65 -8.82 7.76 -4.32
N LEU A 66 -9.54 8.79 -3.87
CA LEU A 66 -9.06 9.64 -2.79
C LEU A 66 -9.49 9.08 -1.43
N HIS A 67 -9.15 7.82 -1.18
CA HIS A 67 -9.50 7.17 0.08
C HIS A 67 -8.32 7.20 1.04
N SER A 68 -8.50 6.58 2.21
CA SER A 68 -7.46 6.54 3.22
C SER A 68 -7.46 5.20 3.95
N ILE A 69 -6.34 4.49 3.88
CA ILE A 69 -6.21 3.20 4.54
C ILE A 69 -4.88 3.08 5.28
N SER A 70 -4.74 2.04 6.08
CA SER A 70 -3.53 1.82 6.84
C SER A 70 -2.44 1.18 5.97
N ILE A 71 -1.22 1.71 6.08
CA ILE A 71 -0.10 1.20 5.31
C ILE A 71 1.04 0.76 6.21
N LYS A 72 1.16 -0.56 6.39
CA LYS A 72 2.21 -1.12 7.24
C LYS A 72 3.48 -1.40 6.43
N THR A 73 4.62 -1.02 6.97
CA THR A 73 5.90 -1.22 6.30
C THR A 73 6.57 -2.50 6.78
N ILE A 74 7.00 -3.33 5.84
CA ILE A 74 7.67 -4.59 6.17
C ILE A 74 8.92 -4.79 5.32
N SER A 75 9.90 -5.49 5.89
CA SER A 75 11.15 -5.75 5.18
C SER A 75 11.25 -7.22 4.79
N ILE A 76 12.10 -7.51 3.81
CA ILE A 76 12.30 -8.87 3.35
C ILE A 76 13.72 -9.35 3.60
N PRO A 77 13.90 -10.67 3.70
CA PRO A 77 15.21 -11.28 3.95
C PRO A 77 16.15 -11.14 2.75
N MET A 1 -18.40 3.19 -4.56
CA MET A 1 -18.07 1.81 -4.84
C MET A 1 -16.56 1.57 -4.74
N ALA A 2 -16.14 0.82 -3.74
CA ALA A 2 -14.74 0.51 -3.53
C ALA A 2 -14.25 -0.55 -4.52
N ILE A 3 -12.96 -0.53 -4.82
CA ILE A 3 -12.38 -1.50 -5.74
C ILE A 3 -11.84 -2.71 -4.99
N SER A 4 -11.84 -3.86 -5.67
CA SER A 4 -11.35 -5.10 -5.07
C SER A 4 -9.95 -4.91 -4.51
N ALA A 5 -9.67 -5.56 -3.38
CA ALA A 5 -8.37 -5.48 -2.74
C ALA A 5 -7.27 -6.02 -3.65
N GLU A 6 -7.66 -6.90 -4.57
CA GLU A 6 -6.71 -7.49 -5.50
C GLU A 6 -6.16 -6.45 -6.47
N GLU A 7 -6.92 -5.38 -6.67
CA GLU A 7 -6.51 -4.31 -7.57
C GLU A 7 -5.68 -3.27 -6.83
N LEU A 8 -5.88 -3.18 -5.51
CA LEU A 8 -5.15 -2.22 -4.69
C LEU A 8 -3.64 -2.35 -4.91
N GLU A 9 -3.20 -3.56 -5.25
CA GLU A 9 -1.79 -3.82 -5.49
C GLU A 9 -1.35 -3.24 -6.84
N LYS A 10 -2.24 -3.31 -7.81
CA LYS A 10 -1.95 -2.80 -9.15
C LYS A 10 -1.47 -1.35 -9.09
N ILE A 11 -1.93 -0.63 -8.06
CA ILE A 11 -1.54 0.77 -7.89
C ILE A 11 -0.12 0.88 -7.31
N LEU A 12 0.17 0.04 -6.32
CA LEU A 12 1.48 0.04 -5.69
C LEU A 12 2.53 -0.61 -6.59
N LYS A 13 2.06 -1.37 -7.58
CA LYS A 13 2.95 -2.05 -8.51
C LYS A 13 3.55 -1.06 -9.50
N LYS A 14 2.88 0.07 -9.68
CA LYS A 14 3.36 1.11 -10.59
C LYS A 14 4.81 1.47 -10.29
N SER A 15 5.09 1.79 -9.04
CA SER A 15 6.44 2.15 -8.63
C SER A 15 7.10 1.02 -7.84
N PHE A 16 6.27 0.21 -7.20
CA PHE A 16 6.77 -0.92 -6.42
C PHE A 16 6.34 -2.25 -7.03
N PRO A 17 6.96 -2.60 -8.17
CA PRO A 17 6.65 -3.85 -8.88
C PRO A 17 7.14 -5.07 -8.12
N SER A 18 8.40 -5.05 -7.71
CA SER A 18 9.00 -6.17 -6.98
C SER A 18 8.36 -6.30 -5.60
N SER A 19 8.02 -5.17 -5.00
CA SER A 19 7.40 -5.17 -3.67
C SER A 19 6.20 -6.10 -3.63
N VAL A 20 5.95 -6.69 -2.46
CA VAL A 20 4.82 -7.60 -2.28
C VAL A 20 3.65 -6.91 -1.62
N ILE A 21 2.56 -6.74 -2.35
CA ILE A 21 1.36 -6.09 -1.84
C ILE A 21 0.40 -7.12 -1.24
N LYS A 22 -0.07 -6.84 -0.03
CA LYS A 22 -1.00 -7.74 0.65
C LYS A 22 -2.05 -6.95 1.42
N ILE A 23 -3.28 -7.45 1.42
CA ILE A 23 -4.38 -6.80 2.12
C ILE A 23 -4.97 -7.70 3.19
N THR A 24 -5.36 -7.10 4.32
CA THR A 24 -5.95 -7.86 5.42
C THR A 24 -7.08 -7.08 6.08
N ASP A 25 -8.22 -7.74 6.26
CA ASP A 25 -9.37 -7.12 6.88
C ASP A 25 -9.51 -7.53 8.34
N LEU A 26 -9.28 -6.59 9.25
CA LEU A 26 -9.38 -6.87 10.68
C LEU A 26 -10.45 -6.00 11.33
N VAL A 27 -11.44 -5.61 10.54
CA VAL A 27 -12.54 -4.78 11.05
C VAL A 27 -13.86 -5.14 10.38
N GLY A 28 -14.83 -5.53 11.19
CA GLY A 28 -16.13 -5.91 10.66
C GLY A 28 -17.16 -4.80 10.80
N ASP A 29 -16.68 -3.56 10.87
CA ASP A 29 -17.56 -2.41 11.01
C ASP A 29 -17.49 -1.52 9.77
N GLN A 30 -16.34 -0.89 9.56
CA GLN A 30 -16.14 -0.02 8.41
C GLN A 30 -15.32 -0.70 7.34
N ASP A 31 -15.40 -0.19 6.11
CA ASP A 31 -14.66 -0.75 4.99
C ASP A 31 -13.18 -0.35 5.06
N HIS A 32 -12.45 -0.98 5.97
CA HIS A 32 -11.03 -0.70 6.13
C HIS A 32 -10.17 -1.79 5.50
N TYR A 33 -8.89 -1.50 5.32
CA TYR A 33 -7.97 -2.46 4.71
C TYR A 33 -6.56 -2.28 5.27
N ALA A 34 -5.86 -3.40 5.46
CA ALA A 34 -4.51 -3.37 5.98
C ALA A 34 -3.49 -3.74 4.91
N LEU A 35 -2.81 -2.73 4.36
CA LEU A 35 -1.82 -2.95 3.32
C LEU A 35 -0.50 -3.42 3.92
N GLU A 36 0.19 -4.31 3.21
CA GLU A 36 1.47 -4.85 3.68
C GLU A 36 2.48 -4.91 2.53
N ILE A 37 3.43 -3.98 2.53
CA ILE A 37 4.45 -3.94 1.49
C ILE A 37 5.77 -4.49 2.00
N SER A 38 6.42 -5.32 1.20
CA SER A 38 7.69 -5.92 1.56
C SER A 38 8.67 -5.87 0.39
N ASP A 39 9.82 -5.25 0.63
CA ASP A 39 10.86 -5.13 -0.40
C ASP A 39 12.11 -4.46 0.16
N ALA A 40 13.16 -4.43 -0.65
CA ALA A 40 14.42 -3.81 -0.24
C ALA A 40 14.58 -2.43 -0.85
N GLN A 41 13.49 -1.66 -0.84
CA GLN A 41 13.51 -0.30 -1.40
C GLN A 41 13.24 0.74 -0.31
N PHE A 42 12.57 0.31 0.75
CA PHE A 42 12.26 1.20 1.86
C PHE A 42 13.29 1.08 2.98
N ASN A 43 14.50 0.68 2.60
CA ASN A 43 15.59 0.51 3.57
C ASN A 43 16.30 1.84 3.82
N GLY A 44 16.25 2.30 5.07
CA GLY A 44 16.88 3.56 5.43
C GLY A 44 15.91 4.72 5.41
N LEU A 45 14.62 4.42 5.47
CA LEU A 45 13.59 5.44 5.47
C LEU A 45 12.92 5.54 6.83
N SER A 46 12.08 6.57 7.01
CA SER A 46 11.38 6.77 8.27
C SER A 46 9.92 6.33 8.15
N LEU A 47 9.28 6.10 9.29
CA LEU A 47 7.89 5.68 9.31
C LEU A 47 7.03 6.63 8.49
N ILE A 48 7.42 7.89 8.43
CA ILE A 48 6.68 8.89 7.67
C ILE A 48 6.96 8.77 6.18
N ASN A 49 8.23 8.58 5.83
CA ASN A 49 8.62 8.45 4.43
C ASN A 49 7.98 7.20 3.81
N GLN A 50 7.98 6.11 4.55
CA GLN A 50 7.40 4.86 4.08
C GLN A 50 5.90 5.01 3.85
N HIS A 51 5.23 5.70 4.76
CA HIS A 51 3.79 5.92 4.66
C HIS A 51 3.47 6.97 3.61
N LYS A 52 4.43 7.85 3.35
CA LYS A 52 4.26 8.91 2.36
C LYS A 52 4.48 8.38 0.95
N LEU A 53 5.53 7.59 0.78
CA LEU A 53 5.85 7.01 -0.53
C LEU A 53 4.63 6.31 -1.12
N VAL A 54 4.07 5.37 -0.36
CA VAL A 54 2.90 4.63 -0.81
C VAL A 54 1.80 5.57 -1.27
N LYS A 55 1.70 6.73 -0.62
CA LYS A 55 0.68 7.72 -0.96
C LYS A 55 1.11 8.52 -2.19
N ASN A 56 2.41 8.66 -2.38
CA ASN A 56 2.94 9.41 -3.51
C ASN A 56 2.85 8.59 -4.80
N ALA A 57 3.18 7.30 -4.70
CA ALA A 57 3.13 6.41 -5.85
C ALA A 57 1.73 6.35 -6.45
N LEU A 58 0.74 6.71 -5.64
CA LEU A 58 -0.65 6.70 -6.08
C LEU A 58 -1.19 8.11 -6.23
N SER A 59 -0.42 9.09 -5.77
CA SER A 59 -0.81 10.49 -5.86
C SER A 59 -0.34 11.11 -7.17
N GLU A 60 0.33 10.30 -7.99
CA GLU A 60 0.84 10.78 -9.27
C GLU A 60 0.04 10.18 -10.43
N ILE A 61 -0.21 8.88 -10.34
CA ILE A 61 -0.96 8.18 -11.38
C ILE A 61 -2.45 8.12 -11.04
N LEU A 62 -2.76 8.23 -9.75
CA LEU A 62 -4.14 8.20 -9.29
C LEU A 62 -4.89 7.04 -9.94
N ASN A 63 -4.28 5.85 -9.92
CA ASN A 63 -4.90 4.67 -10.50
C ASN A 63 -6.31 4.46 -9.95
N LYS A 64 -6.39 4.07 -8.68
CA LYS A 64 -7.67 3.84 -8.04
C LYS A 64 -7.49 3.55 -6.55
N LYS A 65 -8.60 3.21 -5.87
CA LYS A 65 -8.56 2.91 -4.46
C LYS A 65 -7.87 4.03 -3.68
N LEU A 66 -8.14 5.27 -4.07
CA LEU A 66 -7.55 6.43 -3.41
C LEU A 66 -8.54 7.06 -2.44
N HIS A 67 -8.56 6.57 -1.21
CA HIS A 67 -9.45 7.09 -0.18
C HIS A 67 -8.75 7.18 1.17
N SER A 68 -8.55 6.03 1.81
CA SER A 68 -7.88 5.98 3.11
C SER A 68 -7.78 4.55 3.61
N ILE A 69 -6.55 4.09 3.82
CA ILE A 69 -6.32 2.74 4.30
C ILE A 69 -5.02 2.66 5.11
N SER A 70 -4.84 1.55 5.83
CA SER A 70 -3.64 1.36 6.64
C SER A 70 -2.49 0.82 5.80
N ILE A 71 -1.30 1.37 6.03
CA ILE A 71 -0.12 0.95 5.28
C ILE A 71 0.96 0.40 6.23
N LYS A 72 1.34 -0.86 6.03
CA LYS A 72 2.35 -1.49 6.86
C LYS A 72 3.69 -1.52 6.13
N THR A 73 4.76 -1.29 6.89
CA THR A 73 6.11 -1.29 6.33
C THR A 73 6.87 -2.55 6.72
N ILE A 74 7.49 -3.19 5.73
CA ILE A 74 8.25 -4.40 5.98
C ILE A 74 9.53 -4.43 5.15
N SER A 75 10.67 -4.53 5.83
CA SER A 75 11.96 -4.56 5.15
C SER A 75 12.66 -5.90 5.36
N ILE A 76 13.14 -6.51 4.27
CA ILE A 76 13.81 -7.79 4.35
C ILE A 76 14.93 -7.87 3.31
N PRO A 77 15.93 -8.74 3.57
CA PRO A 77 17.06 -8.93 2.67
C PRO A 77 16.66 -9.64 1.38
N MET A 1 -19.67 -0.80 -3.08
CA MET A 1 -19.17 -1.95 -3.83
C MET A 1 -17.75 -2.32 -3.40
N ALA A 2 -17.33 -3.52 -3.76
CA ALA A 2 -15.99 -3.98 -3.42
C ALA A 2 -15.22 -4.39 -4.67
N ILE A 3 -13.96 -3.96 -4.74
CA ILE A 3 -13.11 -4.29 -5.88
C ILE A 3 -12.13 -5.40 -5.55
N SER A 4 -11.74 -6.17 -6.56
CA SER A 4 -10.81 -7.27 -6.37
C SER A 4 -9.53 -6.79 -5.70
N ALA A 5 -9.02 -7.59 -4.75
CA ALA A 5 -7.81 -7.24 -4.05
C ALA A 5 -6.64 -7.04 -5.01
N GLU A 6 -6.67 -7.75 -6.12
CA GLU A 6 -5.61 -7.65 -7.13
C GLU A 6 -5.51 -6.23 -7.67
N GLU A 7 -6.62 -5.49 -7.58
CA GLU A 7 -6.64 -4.11 -8.05
C GLU A 7 -5.85 -3.19 -7.12
N LEU A 8 -5.79 -3.57 -5.85
CA LEU A 8 -5.08 -2.79 -4.85
C LEU A 8 -3.57 -2.94 -5.02
N GLU A 9 -3.12 -4.19 -5.16
CA GLU A 9 -1.70 -4.48 -5.32
C GLU A 9 -1.16 -3.84 -6.60
N LYS A 10 -1.98 -3.84 -7.65
CA LYS A 10 -1.59 -3.26 -8.92
C LYS A 10 -1.24 -1.78 -8.76
N ILE A 11 -1.82 -1.14 -7.76
CA ILE A 11 -1.58 0.28 -7.50
C ILE A 11 -0.15 0.49 -6.99
N LEU A 12 0.26 -0.33 -6.03
CA LEU A 12 1.60 -0.23 -5.46
C LEU A 12 2.66 -0.63 -6.48
N LYS A 13 2.30 -1.55 -7.38
CA LYS A 13 3.21 -2.02 -8.40
C LYS A 13 3.84 -0.85 -9.15
N LYS A 14 3.05 0.21 -9.34
CA LYS A 14 3.54 1.39 -10.04
C LYS A 14 4.87 1.88 -9.45
N SER A 15 5.04 1.67 -8.15
CA SER A 15 6.26 2.08 -7.47
C SER A 15 7.09 0.86 -7.06
N PHE A 16 6.49 -0.01 -6.26
CA PHE A 16 7.17 -1.21 -5.79
C PHE A 16 6.55 -2.46 -6.41
N PRO A 17 6.94 -2.76 -7.66
CA PRO A 17 6.44 -3.93 -8.40
C PRO A 17 6.97 -5.24 -7.81
N SER A 18 8.12 -5.18 -7.15
CA SER A 18 8.71 -6.36 -6.55
C SER A 18 8.18 -6.59 -5.14
N SER A 19 7.64 -5.54 -4.53
CA SER A 19 7.10 -5.62 -3.19
C SER A 19 5.99 -6.67 -3.12
N VAL A 20 5.66 -7.08 -1.90
CA VAL A 20 4.62 -8.08 -1.69
C VAL A 20 3.37 -7.45 -1.08
N ILE A 21 2.43 -7.08 -1.94
CA ILE A 21 1.18 -6.47 -1.48
C ILE A 21 0.20 -7.53 -1.00
N LYS A 22 -0.24 -7.39 0.25
CA LYS A 22 -1.19 -8.33 0.83
C LYS A 22 -2.32 -7.59 1.55
N ILE A 23 -3.55 -7.89 1.15
CA ILE A 23 -4.72 -7.26 1.75
C ILE A 23 -5.16 -8.00 3.00
N THR A 24 -5.33 -7.27 4.10
CA THR A 24 -5.76 -7.87 5.36
C THR A 24 -6.76 -6.98 6.08
N ASP A 25 -7.78 -7.59 6.66
CA ASP A 25 -8.82 -6.85 7.38
C ASP A 25 -8.38 -6.58 8.82
N LEU A 26 -8.70 -5.39 9.31
CA LEU A 26 -8.35 -5.01 10.67
C LEU A 26 -9.61 -4.80 11.52
N VAL A 27 -10.70 -4.44 10.86
CA VAL A 27 -11.97 -4.21 11.55
C VAL A 27 -12.89 -5.41 11.43
N GLY A 28 -13.37 -5.66 10.21
CA GLY A 28 -14.26 -6.78 9.99
C GLY A 28 -15.52 -6.39 9.25
N ASP A 29 -16.21 -5.37 9.76
CA ASP A 29 -17.44 -4.89 9.14
C ASP A 29 -17.21 -3.55 8.43
N GLN A 30 -16.51 -2.65 9.11
CA GLN A 30 -16.23 -1.33 8.54
C GLN A 30 -15.40 -1.46 7.27
N ASP A 31 -15.46 -0.43 6.42
CA ASP A 31 -14.72 -0.43 5.17
C ASP A 31 -13.26 -0.09 5.40
N HIS A 32 -12.52 -1.02 6.00
CA HIS A 32 -11.11 -0.82 6.28
C HIS A 32 -10.24 -1.67 5.36
N TYR A 33 -8.95 -1.37 5.33
CA TYR A 33 -8.01 -2.11 4.49
C TYR A 33 -6.58 -1.93 4.98
N ALA A 34 -5.98 -3.02 5.46
CA ALA A 34 -4.62 -2.98 5.96
C ALA A 34 -3.62 -3.39 4.87
N LEU A 35 -2.99 -2.40 4.25
CA LEU A 35 -2.02 -2.65 3.20
C LEU A 35 -0.64 -2.93 3.78
N GLU A 36 -0.16 -4.15 3.61
CA GLU A 36 1.15 -4.53 4.13
C GLU A 36 2.14 -4.75 2.98
N ILE A 37 3.23 -3.98 2.99
CA ILE A 37 4.25 -4.09 1.95
C ILE A 37 5.48 -4.82 2.47
N SER A 38 6.05 -5.68 1.63
CA SER A 38 7.24 -6.45 2.01
C SER A 38 8.29 -6.38 0.91
N ASP A 39 9.41 -5.73 1.20
CA ASP A 39 10.50 -5.60 0.25
C ASP A 39 11.68 -4.86 0.86
N ALA A 40 12.68 -4.56 0.05
CA ALA A 40 13.87 -3.85 0.51
C ALA A 40 14.00 -2.50 -0.18
N GLN A 41 12.87 -1.92 -0.57
CA GLN A 41 12.87 -0.62 -1.23
C GLN A 41 12.73 0.51 -0.22
N PHE A 42 12.58 0.15 1.04
CA PHE A 42 12.43 1.14 2.11
C PHE A 42 13.49 0.94 3.19
N ASN A 43 14.58 0.28 2.83
CA ASN A 43 15.67 0.01 3.76
C ASN A 43 16.16 1.31 4.40
N GLY A 44 16.36 2.33 3.57
CA GLY A 44 16.83 3.61 4.07
C GLY A 44 15.75 4.68 4.05
N LEU A 45 14.64 4.41 4.73
CA LEU A 45 13.53 5.35 4.79
C LEU A 45 12.96 5.44 6.20
N SER A 46 12.13 6.45 6.44
CA SER A 46 11.52 6.65 7.75
C SER A 46 10.04 6.26 7.72
N LEU A 47 9.44 6.16 8.90
CA LEU A 47 8.03 5.80 9.02
C LEU A 47 7.16 6.74 8.20
N ILE A 48 7.65 7.95 7.99
CA ILE A 48 6.91 8.95 7.22
C ILE A 48 7.17 8.79 5.72
N ASN A 49 8.43 8.52 5.37
CA ASN A 49 8.82 8.36 3.98
C ASN A 49 8.16 7.11 3.38
N GLN A 50 7.96 6.11 4.23
CA GLN A 50 7.35 4.85 3.79
C GLN A 50 5.84 5.02 3.61
N HIS A 51 5.23 5.82 4.48
CA HIS A 51 3.80 6.07 4.41
C HIS A 51 3.46 7.11 3.35
N LYS A 52 4.39 8.03 3.12
CA LYS A 52 4.20 9.08 2.12
C LYS A 52 4.50 8.56 0.72
N LEU A 53 5.40 7.59 0.63
CA LEU A 53 5.77 7.01 -0.65
C LEU A 53 4.57 6.30 -1.30
N VAL A 54 3.95 5.40 -0.55
CA VAL A 54 2.80 4.67 -1.06
C VAL A 54 1.74 5.62 -1.61
N LYS A 55 1.59 6.77 -0.97
CA LYS A 55 0.63 7.77 -1.39
C LYS A 55 1.09 8.48 -2.65
N ASN A 56 2.41 8.67 -2.77
CA ASN A 56 2.98 9.35 -3.93
C ASN A 56 2.79 8.51 -5.19
N ALA A 57 3.06 7.21 -5.08
CA ALA A 57 2.91 6.30 -6.22
C ALA A 57 1.47 6.30 -6.72
N LEU A 58 0.55 6.76 -5.89
CA LEU A 58 -0.87 6.81 -6.27
C LEU A 58 -1.35 8.25 -6.36
N SER A 59 -0.43 9.19 -6.20
CA SER A 59 -0.76 10.62 -6.26
C SER A 59 -0.64 11.14 -7.69
N GLU A 60 0.37 10.66 -8.41
CA GLU A 60 0.61 11.08 -9.78
C GLU A 60 -0.05 10.12 -10.76
N ILE A 61 -0.06 8.84 -10.41
CA ILE A 61 -0.66 7.81 -11.26
C ILE A 61 -2.19 7.86 -11.17
N LEU A 62 -2.70 8.39 -10.07
CA LEU A 62 -4.14 8.48 -9.86
C LEU A 62 -4.80 7.12 -10.00
N ASN A 63 -4.29 6.13 -9.27
CA ASN A 63 -4.83 4.79 -9.33
C ASN A 63 -5.59 4.45 -8.04
N LYS A 64 -6.07 5.48 -7.37
CA LYS A 64 -6.81 5.30 -6.12
C LYS A 64 -7.81 6.44 -5.91
N LYS A 65 -8.90 6.15 -5.22
CA LYS A 65 -9.92 7.15 -4.94
C LYS A 65 -9.47 8.09 -3.82
N LEU A 66 -10.38 8.97 -3.40
CA LEU A 66 -10.08 9.93 -2.35
C LEU A 66 -9.98 9.23 -0.99
N HIS A 67 -10.64 8.09 -0.87
CA HIS A 67 -10.62 7.31 0.36
C HIS A 67 -9.18 7.07 0.83
N SER A 68 -9.04 6.72 2.10
CA SER A 68 -7.72 6.46 2.68
C SER A 68 -7.70 5.13 3.41
N ILE A 69 -6.52 4.54 3.53
CA ILE A 69 -6.36 3.27 4.21
C ILE A 69 -5.05 3.21 4.99
N SER A 70 -4.89 2.18 5.82
CA SER A 70 -3.69 2.01 6.62
C SER A 70 -2.56 1.42 5.78
N ILE A 71 -1.33 1.82 6.07
CA ILE A 71 -0.17 1.32 5.35
C ILE A 71 0.91 0.83 6.31
N LYS A 72 1.32 -0.42 6.15
CA LYS A 72 2.35 -1.01 7.00
C LYS A 72 3.68 -1.12 6.24
N THR A 73 4.78 -1.06 6.99
CA THR A 73 6.11 -1.16 6.39
C THR A 73 6.85 -2.39 6.91
N ILE A 74 7.14 -3.32 6.02
CA ILE A 74 7.85 -4.55 6.38
C ILE A 74 8.98 -4.84 5.41
N SER A 75 10.07 -5.39 5.93
CA SER A 75 11.23 -5.73 5.10
C SER A 75 11.52 -7.22 5.13
N ILE A 76 12.15 -7.72 4.08
CA ILE A 76 12.48 -9.15 3.99
C ILE A 76 13.43 -9.55 5.11
N PRO A 77 13.38 -10.84 5.50
CA PRO A 77 14.23 -11.39 6.55
C PRO A 77 15.69 -11.47 6.13
#